data_3AKL
#
_entry.id   3AKL
#
_cell.length_a   60.133
_cell.length_b   74.835
_cell.length_c   75.815
_cell.angle_alpha   78.840
_cell.angle_beta   71.360
_cell.angle_gamma   85.440
#
_symmetry.space_group_name_H-M   'P 1'
#
loop_
_entity.id
_entity.type
_entity.pdbx_description
1 polymer Ctka
2 non-polymer 'PHOSPHOAMINOPHOSPHONIC ACID-ADENYLATE ESTER'
3 non-polymer 'MAGNESIUM ION'
4 non-polymer "ADENOSINE-5'-DIPHOSPHATE"
5 water water
#
_entity_poly.entity_id   1
_entity_poly.type   'polypeptide(L)'
_entity_poly.pdbx_seq_one_letter_code
;MPTIDFTFCEINPKKGFGGANGNKISLFYNNELYMVKFPPKPSTHKEMSYTNGCFSEYVACHIVNSLGLKVQETLLGTYK
NKIVVACKDFTTHQYELVDFLSLKNTMIELEKSGKDTNLNDVLYAIDNQHFIEPKVLKCFFWDMFVADTLLGNFDRHNGN
WGFLRASNSKEYQIAPIFDCGSCLYPQADDVVCQKVLSNIDELNARIYNFPQSILKDDNDKKINYYDFLTQTNNKDCLDA
LLRIYPRIDMNKIHSIIDNTPFMSEIHKEFLHTMLDERKSKIIDVAHTRAIELSLQHKQAHSNPYDNADDLDNSNEYTPT
PKRRR
;
_entity_poly.pdbx_strand_id   A,B,C,D
#
# COMPACT_ATOMS: atom_id res chain seq x y z
N PRO A 2 37.84 -18.54 4.35
CA PRO A 2 37.36 -18.15 3.01
C PRO A 2 36.34 -17.01 3.03
N THR A 3 35.06 -17.34 3.05
CA THR A 3 34.05 -16.31 3.19
C THR A 3 33.19 -16.61 4.39
N ILE A 4 32.47 -15.61 4.88
CA ILE A 4 31.80 -15.70 6.18
C ILE A 4 30.27 -15.78 6.05
N ASP A 5 29.68 -16.80 6.67
CA ASP A 5 28.22 -16.88 6.75
C ASP A 5 27.74 -16.50 8.12
N PHE A 6 27.06 -15.36 8.19
CA PHE A 6 26.49 -14.84 9.43
C PHE A 6 25.18 -15.53 9.71
N THR A 7 24.65 -16.21 8.68
CA THR A 7 23.29 -16.77 8.67
C THR A 7 22.84 -17.46 9.97
N PHE A 8 23.72 -18.22 10.59
CA PHE A 8 23.30 -18.95 11.78
C PHE A 8 23.75 -18.38 13.11
N CYS A 9 24.44 -17.23 13.07
CA CYS A 9 24.98 -16.56 14.26
C CYS A 9 23.87 -16.05 15.18
N GLU A 10 24.13 -16.09 16.48
CA GLU A 10 23.14 -15.68 17.46
C GLU A 10 22.74 -14.20 17.34
N ILE A 11 21.46 -13.95 17.07
CA ILE A 11 20.99 -12.58 17.05
C ILE A 11 20.55 -12.07 18.42
N ASN A 12 20.86 -10.80 18.65
CA ASN A 12 20.54 -10.09 19.86
C ASN A 12 19.20 -9.33 19.72
N PRO A 13 18.11 -9.92 20.23
CA PRO A 13 16.79 -9.38 19.87
C PRO A 13 16.43 -8.18 20.73
N LYS A 14 17.42 -7.59 21.38
CA LYS A 14 17.20 -6.48 22.31
C LYS A 14 18.01 -5.19 22.01
N LYS A 15 18.71 -5.16 20.88
CA LYS A 15 19.28 -3.92 20.34
C LYS A 15 18.80 -3.64 18.90
N GLY A 16 18.55 -2.37 18.57
CA GLY A 16 18.19 -1.97 17.21
C GLY A 16 19.13 -0.89 16.71
N PHE A 17 18.85 -0.32 15.53
CA PHE A 17 19.65 0.77 14.95
C PHE A 17 18.82 1.69 14.07
N GLY A 18 19.33 2.91 13.92
CA GLY A 18 18.62 3.94 13.19
C GLY A 18 18.91 3.90 11.71
N GLY A 19 18.75 5.05 11.07
CA GLY A 19 19.07 5.21 9.66
C GLY A 19 17.94 4.81 8.73
N ALA A 20 17.77 5.59 7.68
CA ALA A 20 16.73 5.37 6.69
C ALA A 20 17.03 4.26 5.67
N ASN A 21 18.30 3.94 5.45
CA ASN A 21 18.66 3.13 4.28
C ASN A 21 18.78 1.62 4.52
N GLY A 22 17.69 0.94 4.79
CA GLY A 22 17.78 -0.51 4.93
C GLY A 22 17.76 -0.98 6.38
N ASN A 23 17.51 -2.26 6.55
CA ASN A 23 17.40 -2.83 7.87
C ASN A 23 18.79 -3.09 8.50
N LYS A 24 18.82 -3.57 9.73
CA LYS A 24 20.05 -4.03 10.32
C LYS A 24 19.67 -4.79 11.57
N ILE A 25 20.50 -5.72 12.01
CA ILE A 25 20.15 -6.46 13.22
C ILE A 25 21.40 -6.67 14.07
N SER A 26 21.24 -6.82 15.38
CA SER A 26 22.39 -7.04 16.24
C SER A 26 22.65 -8.51 16.50
N LEU A 27 23.84 -8.98 16.14
CA LEU A 27 24.18 -10.39 16.37
C LEU A 27 25.63 -10.57 16.79
N PHE A 28 25.90 -11.72 17.41
CA PHE A 28 27.25 -12.10 17.82
C PHE A 28 28.01 -12.86 16.75
N TYR A 29 29.18 -12.35 16.41
CA TYR A 29 30.13 -13.05 15.61
C TYR A 29 31.41 -13.05 16.39
N ASN A 30 32.02 -14.19 16.60
CA ASN A 30 33.24 -14.17 17.33
C ASN A 30 33.04 -13.67 18.71
N ASN A 31 31.86 -13.89 19.26
CA ASN A 31 31.69 -13.53 20.63
C ASN A 31 31.37 -12.08 20.83
N GLU A 32 31.20 -11.35 19.75
CA GLU A 32 30.95 -9.92 19.88
C GLU A 32 29.82 -9.43 19.07
N LEU A 33 29.23 -8.34 19.52
CA LEU A 33 28.16 -7.68 18.76
C LEU A 33 28.71 -7.04 17.50
N TYR A 34 27.98 -7.25 16.42
CA TYR A 34 28.15 -6.44 15.24
C TYR A 34 26.80 -5.80 14.97
N MET A 35 26.81 -4.70 14.25
CA MET A 35 25.58 -4.26 13.64
C MET A 35 25.71 -4.80 12.23
N VAL A 36 24.71 -5.56 11.80
CA VAL A 36 24.75 -6.16 10.47
C VAL A 36 23.76 -5.47 9.52
N LYS A 37 24.30 -4.77 8.52
CA LYS A 37 23.48 -3.97 7.62
C LYS A 37 23.12 -4.72 6.37
N PHE A 38 21.83 -4.69 6.06
CA PHE A 38 21.34 -5.32 4.84
C PHE A 38 21.25 -4.33 3.70
N PRO A 39 21.19 -4.86 2.49
CA PRO A 39 21.03 -4.00 1.31
C PRO A 39 19.57 -3.72 1.03
N PRO A 40 19.23 -2.45 0.72
CA PRO A 40 17.90 -2.13 0.17
C PRO A 40 17.80 -2.57 -1.30
N LYS A 41 16.59 -2.89 -1.74
CA LYS A 41 16.34 -3.30 -3.13
C LYS A 41 15.15 -2.53 -3.73
N PRO A 42 15.43 -1.40 -4.42
CA PRO A 42 14.37 -0.52 -4.98
C PRO A 42 13.23 -1.31 -5.63
N ASN A 52 24.09 -2.84 -3.01
CA ASN A 52 25.42 -2.46 -3.48
C ASN A 52 26.23 -1.64 -2.44
N GLY A 53 25.50 -1.05 -1.50
CA GLY A 53 26.10 -0.23 -0.46
C GLY A 53 26.85 -1.02 0.59
N CYS A 54 26.55 -2.31 0.70
CA CYS A 54 27.23 -3.19 1.65
C CYS A 54 28.71 -3.26 1.29
N PHE A 55 28.98 -3.23 -0.02
CA PHE A 55 30.34 -3.13 -0.56
C PHE A 55 30.99 -1.80 -0.29
N SER A 56 30.32 -0.72 -0.70
CA SER A 56 30.77 0.63 -0.37
C SER A 56 31.22 0.76 1.10
N GLU A 57 30.34 0.37 2.02
CA GLU A 57 30.65 0.38 3.44
C GLU A 57 31.93 -0.39 3.74
N TYR A 58 31.91 -1.68 3.46
CA TYR A 58 33.11 -2.51 3.65
C TYR A 58 34.36 -1.86 3.07
N VAL A 59 34.34 -1.57 1.77
CA VAL A 59 35.54 -1.07 1.12
C VAL A 59 35.94 0.28 1.70
N ALA A 60 34.97 1.19 1.79
CA ALA A 60 35.24 2.55 2.27
C ALA A 60 35.88 2.56 3.67
N CYS A 61 35.41 1.69 4.55
CA CYS A 61 35.93 1.71 5.91
C CYS A 61 37.33 1.15 6.00
N HIS A 62 37.62 0.14 5.21
CA HIS A 62 38.96 -0.37 5.12
C HIS A 62 39.92 0.63 4.49
N ILE A 63 39.42 1.52 3.66
CA ILE A 63 40.30 2.56 3.15
C ILE A 63 40.48 3.63 4.21
N VAL A 64 39.39 3.99 4.86
CA VAL A 64 39.53 4.97 5.94
C VAL A 64 40.55 4.47 6.94
N ASN A 65 40.42 3.21 7.35
CA ASN A 65 41.32 2.69 8.35
C ASN A 65 42.76 2.84 7.95
N SER A 66 43.04 2.58 6.67
CA SER A 66 44.40 2.58 6.14
C SER A 66 44.98 3.97 6.05
N LEU A 67 44.11 4.97 6.01
CA LEU A 67 44.56 6.36 6.11
C LEU A 67 44.96 6.72 7.56
N GLY A 68 44.92 5.75 8.47
CA GLY A 68 45.23 5.98 9.87
C GLY A 68 44.12 6.55 10.75
N LEU A 69 42.95 6.76 10.17
CA LEU A 69 41.82 7.30 10.92
C LEU A 69 41.15 6.21 11.75
N LYS A 70 40.49 6.63 12.83
CA LYS A 70 39.78 5.69 13.67
C LYS A 70 38.42 5.38 13.04
N VAL A 71 38.21 4.12 12.67
CA VAL A 71 37.01 3.76 11.92
C VAL A 71 36.44 2.46 12.46
N GLN A 72 35.13 2.25 12.25
CA GLN A 72 34.51 0.97 12.58
C GLN A 72 35.12 -0.15 11.76
N GLU A 73 35.32 -1.30 12.39
CA GLU A 73 35.81 -2.47 11.66
C GLU A 73 34.70 -3.04 10.81
N THR A 74 35.01 -3.39 9.57
CA THR A 74 33.99 -3.97 8.72
C THR A 74 34.30 -5.39 8.28
N LEU A 75 33.26 -6.18 8.15
CA LEU A 75 33.35 -7.55 7.66
C LEU A 75 32.21 -7.80 6.68
N LEU A 76 32.55 -8.42 5.56
CA LEU A 76 31.60 -8.69 4.49
C LEU A 76 31.21 -10.19 4.48
N GLY A 77 29.92 -10.47 4.64
CA GLY A 77 29.41 -11.80 4.78
C GLY A 77 28.08 -12.06 4.10
N THR A 78 27.55 -13.25 4.31
CA THR A 78 26.27 -13.65 3.77
C THR A 78 25.28 -14.00 4.83
N TYR A 79 24.06 -13.49 4.75
CA TYR A 79 23.02 -14.10 5.53
C TYR A 79 22.00 -14.55 4.52
N LYS A 80 21.67 -15.82 4.47
CA LYS A 80 20.51 -16.28 3.74
C LYS A 80 20.58 -15.80 2.32
N ASN A 81 21.76 -15.78 1.77
CA ASN A 81 21.98 -15.51 0.38
C ASN A 81 22.00 -14.04 0.09
N LYS A 82 21.75 -13.26 1.11
CA LYS A 82 22.00 -11.86 1.13
C LYS A 82 23.46 -11.64 1.31
N ILE A 83 23.97 -10.55 0.80
CA ILE A 83 25.32 -10.18 1.10
C ILE A 83 25.21 -8.97 1.93
N VAL A 84 25.92 -9.02 3.03
CA VAL A 84 25.67 -8.15 4.11
C VAL A 84 26.95 -7.72 4.72
N VAL A 85 27.01 -6.48 5.16
CA VAL A 85 28.22 -6.00 5.80
C VAL A 85 28.04 -5.94 7.32
N ALA A 86 29.01 -6.51 8.05
CA ALA A 86 28.97 -6.48 9.51
C ALA A 86 29.91 -5.41 10.08
N CYS A 87 29.35 -4.55 10.92
CA CYS A 87 30.10 -3.45 11.57
C CYS A 87 30.24 -3.73 13.07
N LYS A 88 31.48 -3.82 13.52
CA LYS A 88 31.70 -4.11 14.93
C LYS A 88 31.00 -3.05 15.76
N ASP A 89 30.00 -3.47 16.52
CA ASP A 89 29.20 -2.58 17.33
C ASP A 89 30.06 -1.90 18.38
N PHE A 90 30.08 -0.56 18.36
CA PHE A 90 30.83 0.25 19.36
C PHE A 90 29.97 1.00 20.39
N THR A 91 28.73 0.54 20.56
CA THR A 91 27.84 1.05 21.61
C THR A 91 27.44 -0.10 22.53
N THR A 92 28.32 -1.09 22.58
CA THR A 92 28.26 -2.09 23.63
C THR A 92 28.88 -1.45 24.89
N HIS A 93 28.99 -2.21 25.98
CA HIS A 93 29.69 -1.76 27.18
C HIS A 93 29.33 -0.33 27.59
N GLN A 94 28.06 -0.01 27.60
CA GLN A 94 27.61 1.21 28.24
C GLN A 94 27.88 2.45 27.46
N TYR A 95 28.58 2.28 26.37
CA TYR A 95 28.83 3.36 25.44
C TYR A 95 27.60 3.75 24.63
N GLU A 96 27.15 4.99 24.80
CA GLU A 96 25.99 5.51 24.12
C GLU A 96 26.46 6.50 23.05
N LEU A 97 26.07 6.27 21.80
CA LEU A 97 26.45 7.16 20.69
C LEU A 97 25.50 8.33 20.59
N VAL A 98 26.06 9.50 20.34
CA VAL A 98 25.32 10.76 20.16
C VAL A 98 25.89 11.58 18.98
N ASP A 99 25.06 11.82 17.97
CA ASP A 99 25.57 12.38 16.73
C ASP A 99 25.76 13.89 16.74
N PHE A 100 26.42 14.37 15.71
CA PHE A 100 26.74 15.77 15.68
C PHE A 100 25.49 16.57 15.58
N LEU A 101 24.50 16.04 14.87
CA LEU A 101 23.24 16.74 14.62
C LEU A 101 22.59 17.19 15.92
N SER A 102 22.45 16.29 16.89
CA SER A 102 21.87 16.68 18.18
C SER A 102 22.69 17.80 18.77
N LEU A 103 24.00 17.61 18.74
CA LEU A 103 24.92 18.57 19.30
C LEU A 103 24.75 19.89 18.58
N LYS A 104 24.64 19.85 17.26
CA LYS A 104 24.49 21.09 16.51
C LYS A 104 23.13 21.71 16.85
N ASN A 105 22.17 20.88 17.26
CA ASN A 105 20.81 21.36 17.54
C ASN A 105 20.79 22.37 18.67
N THR A 106 21.80 22.32 19.53
CA THR A 106 21.86 23.26 20.65
C THR A 106 22.37 24.67 20.28
N MET A 107 22.91 24.85 19.08
CA MET A 107 23.44 26.17 18.68
C MET A 107 22.30 27.11 18.30
N ILE A 108 21.48 27.44 19.30
CA ILE A 108 20.28 28.29 19.17
C ILE A 108 20.55 29.68 18.57
N GLU A 109 21.78 30.16 18.69
CA GLU A 109 22.16 31.46 18.14
C GLU A 109 21.94 31.54 16.63
N LEU A 110 22.42 30.54 15.88
CA LEU A 110 22.04 30.47 14.47
C LEU A 110 20.67 29.87 14.44
N GLU A 111 19.73 30.62 13.95
CA GLU A 111 18.40 30.15 13.95
C GLU A 111 18.22 29.26 12.76
N LYS A 112 19.16 28.33 12.63
CA LYS A 112 19.09 27.20 11.71
C LYS A 112 19.08 25.92 12.56
N SER A 113 18.46 24.86 12.06
CA SER A 113 18.34 23.62 12.81
C SER A 113 19.60 22.78 12.80
N GLY A 114 19.66 21.79 13.69
CA GLY A 114 20.83 20.94 13.80
C GLY A 114 20.96 19.86 12.73
N LYS A 115 20.21 19.99 11.64
CA LYS A 115 20.24 18.98 10.57
C LYS A 115 20.79 19.59 9.27
N ASP A 116 20.66 20.91 9.17
CA ASP A 116 21.19 21.69 8.05
C ASP A 116 22.72 21.56 7.96
N THR A 117 23.23 21.40 6.75
CA THR A 117 24.64 21.05 6.58
C THR A 117 25.52 22.20 6.04
N ASN A 118 25.03 23.43 6.13
CA ASN A 118 25.82 24.58 5.76
C ASN A 118 27.15 24.51 6.48
N LEU A 119 28.23 24.49 5.70
CA LEU A 119 29.57 24.28 6.26
C LEU A 119 29.92 25.27 7.38
N ASN A 120 29.61 26.55 7.17
CA ASN A 120 30.02 27.58 8.14
C ASN A 120 29.36 27.36 9.47
N ASP A 121 28.07 27.08 9.39
CA ASP A 121 27.29 26.78 10.57
C ASP A 121 27.90 25.56 11.26
N VAL A 122 28.21 24.52 10.49
CA VAL A 122 28.83 23.33 11.07
C VAL A 122 30.11 23.69 11.82
N LEU A 123 30.96 24.50 11.20
CA LEU A 123 32.22 24.90 11.83
C LEU A 123 31.98 25.67 13.11
N TYR A 124 31.04 26.61 13.07
CA TYR A 124 30.64 27.35 14.27
C TYR A 124 30.31 26.41 15.44
N ALA A 125 29.50 25.39 15.17
CA ALA A 125 29.16 24.40 16.19
C ALA A 125 30.38 23.66 16.73
N ILE A 126 31.39 23.48 15.89
CA ILE A 126 32.61 22.79 16.29
C ILE A 126 33.35 23.68 17.28
N ASP A 127 33.47 24.95 16.93
CA ASP A 127 34.19 25.91 17.78
C ASP A 127 33.46 26.13 19.09
N ASN A 128 32.14 26.00 19.07
CA ASN A 128 31.31 26.42 20.21
C ASN A 128 30.61 25.33 21.04
N GLN A 129 31.03 24.07 20.87
CA GLN A 129 30.41 22.96 21.58
C GLN A 129 31.33 22.44 22.68
N HIS A 130 30.77 21.88 23.73
CA HIS A 130 31.58 21.49 24.89
C HIS A 130 31.67 19.98 25.13
N PHE A 131 31.65 19.18 24.07
CA PHE A 131 31.77 17.73 24.21
C PHE A 131 33.21 17.32 24.02
N ILE A 132 33.84 17.95 23.05
CA ILE A 132 35.21 17.68 22.72
C ILE A 132 35.97 18.99 22.72
N GLU A 133 37.24 18.91 23.02
CA GLU A 133 38.03 20.08 22.94
C GLU A 133 37.94 20.42 21.51
N PRO A 134 37.50 21.62 21.26
CA PRO A 134 37.12 22.13 19.93
C PRO A 134 38.20 21.95 18.85
N LYS A 135 39.43 22.32 19.18
CA LYS A 135 40.54 22.14 18.24
C LYS A 135 40.62 20.68 17.76
N VAL A 136 40.57 19.73 18.69
CA VAL A 136 40.64 18.30 18.35
C VAL A 136 39.58 17.85 17.32
N LEU A 137 38.38 18.39 17.50
CA LEU A 137 37.21 18.01 16.74
C LEU A 137 37.29 18.72 15.40
N LYS A 138 37.84 19.93 15.41
CA LYS A 138 38.05 20.67 14.18
C LYS A 138 39.07 19.95 13.31
N CYS A 139 40.00 19.24 13.95
CA CYS A 139 40.98 18.43 13.25
C CYS A 139 40.39 17.08 12.76
N PHE A 140 39.48 16.50 13.55
CA PHE A 140 38.75 15.31 13.15
C PHE A 140 37.85 15.55 11.94
N PHE A 141 36.88 16.43 12.13
CA PHE A 141 36.01 16.84 11.04
C PHE A 141 36.80 16.95 9.74
N TRP A 142 37.89 17.72 9.80
CA TRP A 142 38.66 18.00 8.60
C TRP A 142 39.35 16.78 8.07
N ASP A 143 39.87 15.98 9.00
CA ASP A 143 40.39 14.66 8.66
C ASP A 143 39.34 13.94 7.80
N MET A 144 38.21 13.70 8.42
CA MET A 144 37.15 12.99 7.76
C MET A 144 36.76 13.59 6.42
N PHE A 145 36.75 14.91 6.34
CA PHE A 145 36.34 15.52 5.08
C PHE A 145 37.25 15.06 3.94
N VAL A 146 38.55 15.08 4.20
CA VAL A 146 39.57 14.65 3.25
C VAL A 146 39.37 13.20 2.80
N ALA A 147 39.24 12.28 3.75
CA ALA A 147 38.96 10.90 3.39
C ALA A 147 37.68 10.81 2.56
N ASP A 148 36.63 11.54 2.93
CA ASP A 148 35.43 11.61 2.12
C ASP A 148 35.72 12.11 0.72
N THR A 149 36.68 13.02 0.59
CA THR A 149 37.05 13.51 -0.73
C THR A 149 37.64 12.37 -1.51
N LEU A 150 38.43 11.56 -0.83
CA LEU A 150 39.06 10.42 -1.46
C LEU A 150 38.01 9.41 -1.87
N LEU A 151 37.17 9.02 -0.91
CA LEU A 151 36.12 8.01 -1.13
C LEU A 151 34.89 8.53 -1.89
N GLY A 152 34.78 9.84 -2.06
CA GLY A 152 33.68 10.43 -2.82
C GLY A 152 32.33 10.34 -2.11
N ASN A 153 32.25 10.87 -0.91
CA ASN A 153 31.09 10.71 -0.08
C ASN A 153 30.06 11.79 -0.31
N PHE A 154 28.86 11.43 -0.73
CA PHE A 154 27.83 12.44 -0.99
C PHE A 154 26.84 12.65 0.16
N ASP A 155 27.07 11.96 1.29
CA ASP A 155 26.14 11.96 2.44
C ASP A 155 26.86 11.90 3.79
N ARG A 156 27.68 12.90 4.06
CA ARG A 156 28.30 13.00 5.38
C ARG A 156 27.49 13.99 6.22
N HIS A 157 26.24 13.62 6.52
CA HIS A 157 25.32 14.53 7.25
C HIS A 157 25.55 14.49 8.75
N ASN A 158 25.05 15.52 9.42
CA ASN A 158 25.40 15.71 10.81
C ASN A 158 24.97 14.53 11.65
N GLY A 159 24.16 13.68 11.03
CA GLY A 159 23.68 12.45 11.64
C GLY A 159 24.61 11.28 11.32
N ASN A 160 25.61 11.53 10.49
CA ASN A 160 26.56 10.48 10.16
C ASN A 160 27.90 10.53 10.89
N TRP A 161 28.05 11.44 11.85
CA TRP A 161 29.18 11.37 12.77
C TRP A 161 28.81 11.92 14.14
N GLY A 162 29.53 11.49 15.16
CA GLY A 162 29.23 11.89 16.52
C GLY A 162 30.25 11.45 17.55
N PHE A 163 29.76 11.23 18.77
CA PHE A 163 30.63 11.10 19.92
C PHE A 163 30.13 9.93 20.74
N LEU A 164 30.96 9.47 21.66
CA LEU A 164 30.65 8.32 22.49
C LEU A 164 30.80 8.73 23.93
N ARG A 165 30.03 8.12 24.82
CA ARG A 165 30.14 8.44 26.23
C ARG A 165 29.57 7.31 27.08
N ALA A 166 30.06 7.16 28.31
CA ALA A 166 29.48 6.22 29.27
C ALA A 166 28.38 6.87 30.14
N GLU A 171 33.36 13.56 29.60
CA GLU A 171 32.61 12.34 29.38
C GLU A 171 32.81 11.79 27.94
N TYR A 172 33.04 12.69 26.98
CA TYR A 172 33.06 12.35 25.56
C TYR A 172 34.42 12.01 24.94
N GLN A 173 34.38 11.10 23.97
CA GLN A 173 35.45 10.86 23.02
C GLN A 173 34.77 10.83 21.67
N ILE A 174 35.50 11.08 20.59
CA ILE A 174 34.89 11.04 19.27
C ILE A 174 34.54 9.61 18.85
N ALA A 175 33.35 9.44 18.29
CA ALA A 175 32.92 8.14 17.80
C ALA A 175 33.68 7.81 16.54
N PRO A 176 34.12 6.55 16.42
CA PRO A 176 34.92 6.13 15.27
C PRO A 176 34.11 6.39 14.01
N ILE A 177 34.75 6.72 12.89
CA ILE A 177 34.01 7.01 11.67
C ILE A 177 33.13 5.83 11.29
N PHE A 178 31.85 6.10 11.08
CA PHE A 178 30.87 5.08 10.75
C PHE A 178 30.09 5.49 9.50
N ASP A 179 29.07 4.70 9.13
CA ASP A 179 28.27 4.95 7.93
C ASP A 179 29.03 5.59 6.76
N CYS A 180 30.06 4.90 6.28
CA CYS A 180 30.76 5.33 5.06
C CYS A 180 30.22 4.55 3.83
N GLY A 181 28.99 4.06 3.96
CA GLY A 181 28.32 3.25 2.93
C GLY A 181 27.74 4.06 1.78
N SER A 182 27.77 5.38 1.90
CA SER A 182 27.38 6.26 0.82
C SER A 182 28.57 6.70 -0.03
N CYS A 183 29.73 6.09 0.21
CA CYS A 183 30.94 6.39 -0.58
C CYS A 183 31.02 5.46 -1.76
N LEU A 184 31.96 5.76 -2.65
CA LEU A 184 32.44 4.84 -3.71
C LEU A 184 31.35 4.31 -4.65
N TYR A 185 30.51 5.22 -5.14
CA TYR A 185 29.55 4.93 -6.20
C TYR A 185 28.69 3.67 -5.98
N PRO A 186 27.68 3.79 -5.11
CA PRO A 186 26.86 2.64 -4.76
C PRO A 186 25.70 2.37 -5.74
N GLN A 187 25.29 3.39 -6.52
CA GLN A 187 24.18 3.23 -7.46
C GLN A 187 24.65 2.52 -8.71
N ALA A 188 25.96 2.48 -8.88
CA ALA A 188 26.60 1.86 -10.04
C ALA A 188 26.58 0.33 -9.94
N ASP A 189 26.19 -0.32 -11.02
CA ASP A 189 26.10 -1.75 -11.04
C ASP A 189 26.98 -2.13 -12.17
N ASP A 190 26.98 -3.38 -12.53
CA ASP A 190 27.90 -3.89 -13.50
C ASP A 190 27.65 -3.17 -14.78
N VAL A 191 26.41 -2.92 -15.11
CA VAL A 191 26.13 -2.16 -16.31
C VAL A 191 26.66 -0.73 -16.27
N VAL A 192 26.53 -0.05 -15.16
CA VAL A 192 27.14 1.25 -14.96
C VAL A 192 28.66 1.23 -14.96
N CYS A 193 29.25 0.23 -14.36
CA CYS A 193 30.67 0.22 -14.25
C CYS A 193 31.22 0.17 -15.64
N GLN A 194 30.61 -0.62 -16.49
CA GLN A 194 31.09 -0.72 -17.84
C GLN A 194 31.00 0.57 -18.59
N LYS A 195 29.89 1.26 -18.38
CA LYS A 195 29.58 2.47 -19.08
C LYS A 195 30.58 3.55 -18.75
N VAL A 196 30.95 3.58 -17.49
CA VAL A 196 31.94 4.53 -17.01
C VAL A 196 33.32 4.13 -17.48
N LEU A 197 33.63 2.84 -17.36
CA LEU A 197 34.95 2.31 -17.72
C LEU A 197 35.32 2.54 -19.19
N SER A 198 34.31 2.74 -20.02
CA SER A 198 34.53 2.95 -21.44
C SER A 198 34.46 4.42 -21.75
N ASN A 199 33.27 4.99 -21.61
CA ASN A 199 33.07 6.40 -21.88
C ASN A 199 33.90 7.33 -20.96
N ILE A 200 34.89 8.00 -21.53
CA ILE A 200 35.70 8.92 -20.75
C ILE A 200 34.82 10.05 -20.22
N ASP A 201 33.97 10.62 -21.06
CA ASP A 201 33.16 11.75 -20.64
C ASP A 201 32.35 11.37 -19.40
N GLU A 202 31.94 10.11 -19.35
CA GLU A 202 31.20 9.58 -18.22
C GLU A 202 32.11 9.47 -16.97
N LEU A 203 33.33 9.02 -17.15
CA LEU A 203 34.27 8.94 -16.03
C LEU A 203 34.60 10.32 -15.47
N ASN A 204 34.76 11.29 -16.36
CA ASN A 204 35.06 12.65 -15.94
C ASN A 204 34.12 13.25 -14.89
N ALA A 205 32.81 13.17 -15.13
CA ALA A 205 31.83 13.84 -14.25
C ALA A 205 31.64 13.18 -12.89
N ARG A 206 32.06 11.93 -12.75
CA ARG A 206 32.03 11.28 -11.46
C ARG A 206 33.26 11.65 -10.68
N ILE A 207 33.95 12.68 -11.19
CA ILE A 207 35.09 13.31 -10.55
C ILE A 207 34.82 14.81 -10.36
N TYR A 208 34.69 15.53 -11.47
CA TYR A 208 34.58 17.00 -11.42
C TYR A 208 33.18 17.49 -11.05
N ASN A 209 32.19 16.62 -11.19
CA ASN A 209 30.80 17.03 -11.05
C ASN A 209 30.04 16.45 -9.88
N PHE A 210 30.31 15.18 -9.59
CA PHE A 210 29.65 14.47 -8.51
C PHE A 210 30.38 13.15 -8.30
N PRO A 211 30.40 12.66 -7.06
CA PRO A 211 29.57 13.22 -5.98
C PRO A 211 30.03 14.59 -5.54
N GLN A 212 29.10 15.32 -4.95
CA GLN A 212 29.42 16.52 -4.20
C GLN A 212 29.16 16.26 -2.72
N SER A 213 29.78 17.04 -1.84
CA SER A 213 29.56 16.83 -0.40
C SER A 213 28.15 17.27 -0.01
N ILE A 214 27.56 16.61 0.99
CA ILE A 214 26.25 17.02 1.52
C ILE A 214 26.33 18.42 2.15
N LEU A 215 27.54 18.86 2.44
CA LEU A 215 27.81 20.10 3.10
C LEU A 215 27.60 21.25 2.20
N LYS A 216 27.37 22.41 2.77
CA LYS A 216 27.08 23.60 1.99
C LYS A 216 27.76 24.94 2.25
N ASP A 217 27.83 25.70 1.18
CA ASP A 217 28.29 27.07 1.18
C ASP A 217 27.18 28.02 1.54
N ASP A 218 27.53 29.29 1.65
CA ASP A 218 26.61 30.33 2.09
C ASP A 218 25.43 30.55 1.16
N ASN A 219 25.71 30.49 -0.11
CA ASN A 219 24.71 30.37 -1.11
C ASN A 219 24.33 28.96 -0.82
N ASP A 220 23.16 28.49 -1.13
CA ASP A 220 22.84 27.14 -0.67
C ASP A 220 23.53 25.95 -1.29
N LYS A 221 24.19 26.10 -2.41
CA LYS A 221 24.70 24.96 -3.12
C LYS A 221 25.70 24.06 -2.43
N LYS A 222 25.60 22.77 -2.74
CA LYS A 222 26.43 21.75 -2.13
C LYS A 222 27.79 22.08 -2.59
N ILE A 223 28.77 21.63 -1.84
CA ILE A 223 30.17 21.97 -2.12
C ILE A 223 30.83 20.97 -3.03
N ASN A 224 31.46 21.46 -4.11
CA ASN A 224 32.13 20.57 -5.06
C ASN A 224 33.47 20.10 -4.54
N TYR A 225 33.63 18.78 -4.40
CA TYR A 225 34.86 18.26 -3.83
C TYR A 225 36.10 18.90 -4.49
N TYR A 226 36.22 18.76 -5.82
CA TYR A 226 37.38 19.29 -6.55
C TYR A 226 37.56 20.79 -6.37
N ASP A 227 36.58 21.55 -6.86
CA ASP A 227 36.66 23.01 -6.76
C ASP A 227 37.08 23.43 -5.37
N PHE A 228 36.36 22.99 -4.36
CA PHE A 228 36.64 23.42 -3.02
C PHE A 228 38.05 23.04 -2.66
N LEU A 229 38.40 21.79 -2.90
CA LEU A 229 39.67 21.27 -2.42
C LEU A 229 40.90 21.99 -3.01
N THR A 230 40.72 22.71 -4.11
CA THR A 230 41.87 23.23 -4.81
C THR A 230 41.86 24.75 -4.90
N GLN A 231 40.90 25.36 -4.22
CA GLN A 231 40.78 26.81 -4.22
C GLN A 231 40.72 27.35 -2.80
N THR A 232 40.48 26.49 -1.81
CA THR A 232 40.27 26.96 -0.44
C THR A 232 41.52 27.51 0.22
N ASN A 233 41.34 28.55 1.04
CA ASN A 233 42.41 29.11 1.85
C ASN A 233 42.15 28.83 3.32
N ASN A 234 41.36 27.80 3.58
CA ASN A 234 41.11 27.40 4.95
C ASN A 234 42.32 26.62 5.38
N LYS A 235 43.11 27.19 6.27
CA LYS A 235 44.35 26.54 6.65
C LYS A 235 44.03 25.18 7.28
N ASP A 236 42.92 25.12 8.00
CA ASP A 236 42.55 23.90 8.71
C ASP A 236 42.23 22.71 7.79
N CYS A 237 41.55 22.95 6.66
CA CYS A 237 41.34 21.94 5.62
C CYS A 237 42.66 21.46 5.00
N LEU A 238 43.46 22.42 4.53
CA LEU A 238 44.81 22.17 4.00
C LEU A 238 45.77 21.44 4.99
N ASP A 239 45.83 21.91 6.23
CA ASP A 239 46.62 21.25 7.26
C ASP A 239 46.25 19.80 7.30
N ALA A 240 44.94 19.56 7.14
CA ALA A 240 44.38 18.23 7.10
C ALA A 240 44.91 17.49 5.90
N LEU A 241 44.85 18.11 4.72
CA LEU A 241 45.38 17.48 3.51
C LEU A 241 46.84 17.01 3.73
N LEU A 242 47.71 17.97 4.02
CA LEU A 242 49.12 17.66 4.26
C LEU A 242 49.23 16.54 5.27
N ARG A 243 48.40 16.61 6.30
CA ARG A 243 48.46 15.64 7.37
C ARG A 243 48.17 14.26 6.83
N ILE A 244 47.12 14.16 6.01
CA ILE A 244 46.59 12.87 5.59
C ILE A 244 47.28 12.29 4.38
N TYR A 245 47.60 13.15 3.42
CA TYR A 245 48.12 12.68 2.14
C TYR A 245 49.17 11.52 2.23
N PRO A 246 50.29 11.76 2.94
CA PRO A 246 51.36 10.75 3.12
C PRO A 246 50.94 9.37 3.61
N ARG A 247 49.67 9.20 4.00
CA ARG A 247 49.21 7.91 4.51
C ARG A 247 48.44 7.14 3.44
N ILE A 248 47.92 7.87 2.46
CA ILE A 248 47.31 7.27 1.30
C ILE A 248 48.30 6.27 0.73
N ASP A 249 47.95 4.99 0.80
CA ASP A 249 48.82 3.93 0.31
C ASP A 249 48.09 3.25 -0.84
N MET A 250 48.37 3.70 -2.05
CA MET A 250 47.65 3.21 -3.21
C MET A 250 47.81 1.70 -3.46
N ASN A 251 48.92 1.12 -3.06
CA ASN A 251 49.01 -0.32 -3.20
C ASN A 251 48.08 -1.03 -2.24
N LYS A 252 48.09 -0.58 -0.99
CA LYS A 252 47.27 -1.19 0.04
C LYS A 252 45.81 -1.06 -0.32
N ILE A 253 45.45 0.10 -0.86
CA ILE A 253 44.08 0.38 -1.22
C ILE A 253 43.62 -0.56 -2.31
N HIS A 254 44.40 -0.67 -3.38
CA HIS A 254 44.05 -1.62 -4.43
C HIS A 254 44.03 -3.05 -3.94
N SER A 255 44.91 -3.35 -2.99
CA SER A 255 44.85 -4.58 -2.22
C SER A 255 43.45 -4.80 -1.61
N ILE A 256 42.97 -3.78 -0.90
CA ILE A 256 41.67 -3.80 -0.23
C ILE A 256 40.55 -4.09 -1.24
N ILE A 257 40.65 -3.47 -2.41
CA ILE A 257 39.73 -3.76 -3.49
C ILE A 257 39.86 -5.19 -4.04
N ASP A 258 41.08 -5.65 -4.27
CA ASP A 258 41.24 -7.02 -4.77
C ASP A 258 40.77 -8.03 -3.75
N ASN A 259 40.95 -7.73 -2.50
CA ASN A 259 40.66 -8.71 -1.49
C ASN A 259 39.26 -8.70 -0.99
N THR A 260 38.40 -7.93 -1.61
CA THR A 260 37.01 -7.83 -1.21
C THR A 260 36.27 -9.07 -1.53
N PRO A 261 35.56 -9.57 -0.54
CA PRO A 261 35.00 -10.90 -0.57
C PRO A 261 33.96 -11.31 -1.58
N PHE A 262 32.92 -10.58 -1.89
CA PHE A 262 32.06 -11.21 -2.85
C PHE A 262 32.07 -10.47 -4.14
N MET A 263 32.87 -9.43 -4.17
CA MET A 263 32.83 -8.48 -5.24
C MET A 263 33.10 -9.07 -6.58
N SER A 264 32.40 -8.56 -7.57
CA SER A 264 32.62 -8.94 -8.96
C SER A 264 33.82 -8.32 -9.50
N GLU A 265 34.37 -8.91 -10.54
CA GLU A 265 35.64 -8.36 -11.05
C GLU A 265 35.51 -7.03 -11.82
N ILE A 266 34.50 -6.93 -12.67
CA ILE A 266 34.23 -5.67 -13.37
C ILE A 266 34.05 -4.56 -12.34
N HIS A 267 33.40 -4.89 -11.23
CA HIS A 267 33.21 -3.93 -10.17
C HIS A 267 34.53 -3.67 -9.45
N LYS A 268 35.24 -4.73 -9.08
CA LYS A 268 36.55 -4.59 -8.47
C LYS A 268 37.34 -3.53 -9.21
N GLU A 269 37.36 -3.62 -10.53
CA GLU A 269 38.22 -2.73 -11.31
C GLU A 269 37.65 -1.33 -11.53
N PHE A 270 36.33 -1.22 -11.56
CA PHE A 270 35.68 0.08 -11.60
C PHE A 270 36.20 1.00 -10.49
N LEU A 271 36.40 0.43 -9.31
CA LEU A 271 36.93 1.17 -8.18
C LEU A 271 38.40 1.53 -8.38
N HIS A 272 39.24 0.50 -8.54
CA HIS A 272 40.65 0.66 -8.89
C HIS A 272 40.85 1.89 -9.76
N THR A 273 40.20 1.84 -10.91
CA THR A 273 40.16 2.96 -11.82
C THR A 273 39.72 4.23 -11.09
N MET A 274 38.46 4.22 -10.65
CA MET A 274 37.81 5.36 -10.02
C MET A 274 38.60 5.95 -8.86
N LEU A 275 39.25 5.08 -8.10
CA LEU A 275 40.10 5.53 -7.00
C LEU A 275 41.39 6.17 -7.47
N ASP A 276 42.03 5.61 -8.49
CA ASP A 276 43.21 6.26 -9.02
C ASP A 276 42.79 7.63 -9.50
N GLU A 277 41.73 7.64 -10.29
CA GLU A 277 41.14 8.87 -10.79
C GLU A 277 40.96 9.98 -9.73
N ARG A 278 40.24 9.71 -8.65
CA ARG A 278 40.07 10.72 -7.59
C ARG A 278 41.41 11.09 -6.93
N LYS A 279 42.20 10.05 -6.66
CA LYS A 279 43.52 10.21 -6.07
C LYS A 279 44.37 11.23 -6.80
N SER A 280 44.41 11.11 -8.12
CA SER A 280 45.32 11.92 -8.89
C SER A 280 44.65 13.17 -9.37
N LYS A 281 43.38 13.07 -9.74
CA LYS A 281 42.70 14.24 -10.31
C LYS A 281 42.31 15.30 -9.27
N ILE A 282 42.12 14.91 -8.01
CA ILE A 282 41.75 15.89 -6.97
C ILE A 282 42.79 15.96 -5.86
N ILE A 283 42.89 14.87 -5.11
CA ILE A 283 43.83 14.75 -4.01
C ILE A 283 45.24 15.26 -4.37
N ASP A 284 45.87 14.63 -5.36
CA ASP A 284 47.19 15.05 -5.82
C ASP A 284 47.27 16.54 -6.14
N VAL A 285 46.48 16.99 -7.11
CA VAL A 285 46.40 18.41 -7.45
C VAL A 285 46.22 19.32 -6.23
N ALA A 286 45.19 19.07 -5.42
CA ALA A 286 44.99 19.87 -4.24
C ALA A 286 46.20 19.75 -3.31
N HIS A 287 46.64 18.52 -3.03
CA HIS A 287 47.78 18.35 -2.13
C HIS A 287 49.03 19.10 -2.59
N THR A 288 49.30 19.06 -3.90
CA THR A 288 50.42 19.81 -4.49
C THR A 288 50.31 21.30 -4.17
N ARG A 289 49.16 21.89 -4.52
CA ARG A 289 48.93 23.30 -4.21
C ARG A 289 49.11 23.61 -2.72
N ALA A 290 48.66 22.70 -1.86
CA ALA A 290 48.85 22.90 -0.43
C ALA A 290 50.31 23.20 -0.10
N ILE A 291 51.19 22.24 -0.34
CA ILE A 291 52.62 22.39 -0.09
C ILE A 291 53.12 23.74 -0.60
N GLU A 292 53.00 23.97 -1.87
CA GLU A 292 53.47 25.22 -2.38
C GLU A 292 52.96 26.36 -1.58
N LEU A 293 51.86 26.15 -0.90
CA LEU A 293 51.25 27.22 -0.15
C LEU A 293 52.14 27.75 0.94
N SER A 294 52.98 26.91 1.51
CA SER A 294 53.99 27.40 2.43
C SER A 294 55.39 27.29 1.81
N LEU A 295 56.17 28.39 1.76
CA LEU A 295 55.77 29.69 2.27
C LEU A 295 55.16 30.50 1.16
N PRO B 2 2.81 33.67 37.39
CA PRO B 2 2.61 34.46 36.16
C PRO B 2 2.96 33.67 34.91
N THR B 3 4.09 33.98 34.30
CA THR B 3 4.65 33.14 33.24
C THR B 3 6.09 32.76 33.59
N ILE B 4 6.45 31.51 33.33
CA ILE B 4 7.80 31.05 33.62
C ILE B 4 8.82 31.77 32.74
N ASP B 5 10.07 31.79 33.20
CA ASP B 5 11.16 32.30 32.39
C ASP B 5 12.40 31.45 32.64
N PHE B 6 12.89 30.84 31.56
CA PHE B 6 13.95 29.85 31.67
C PHE B 6 15.28 30.50 31.42
N THR B 7 15.21 31.76 30.99
CA THR B 7 16.38 32.52 30.53
C THR B 7 17.63 32.40 31.39
N PHE B 8 17.44 32.34 32.71
CA PHE B 8 18.58 32.34 33.63
C PHE B 8 18.94 30.98 34.18
N CYS B 9 18.07 29.99 34.00
CA CYS B 9 18.34 28.64 34.49
C CYS B 9 19.66 28.09 33.89
N GLU B 10 20.31 27.24 34.67
CA GLU B 10 21.57 26.63 34.34
C GLU B 10 21.44 25.69 33.14
N ILE B 11 22.09 26.01 32.02
CA ILE B 11 22.11 25.07 30.92
C ILE B 11 23.07 23.91 31.18
N ASN B 12 22.67 22.72 30.72
CA ASN B 12 23.53 21.55 30.70
C ASN B 12 24.07 21.33 29.30
N PRO B 13 25.38 21.59 29.11
CA PRO B 13 26.05 21.67 27.79
C PRO B 13 26.65 20.35 27.32
N LYS B 14 26.42 19.29 28.08
CA LYS B 14 26.89 17.97 27.73
C LYS B 14 25.73 17.08 27.26
N LYS B 15 24.72 17.70 26.66
CA LYS B 15 23.51 16.98 26.21
C LYS B 15 22.83 17.70 25.06
N GLY B 16 22.46 16.93 24.04
CA GLY B 16 21.74 17.45 22.90
C GLY B 16 20.53 16.60 22.49
N PHE B 17 19.80 17.07 21.51
CA PHE B 17 18.61 16.35 21.15
C PHE B 17 18.45 16.33 19.68
N GLY B 18 17.98 15.19 19.18
CA GLY B 18 17.76 15.00 17.76
C GLY B 18 16.61 15.85 17.24
N GLY B 19 16.02 15.38 16.16
CA GLY B 19 14.88 16.02 15.59
C GLY B 19 15.23 17.15 14.64
N ALA B 20 14.34 17.33 13.66
CA ALA B 20 14.57 18.30 12.59
C ALA B 20 13.64 19.51 12.60
N ASN B 21 13.04 19.85 13.74
CA ASN B 21 12.25 21.07 13.84
C ASN B 21 12.71 21.92 15.01
N GLY B 22 13.46 22.98 14.71
CA GLY B 22 13.87 23.89 15.76
C GLY B 22 14.88 23.27 16.70
N ASN B 23 15.63 24.15 17.35
CA ASN B 23 16.70 23.71 18.21
C ASN B 23 16.18 23.27 19.58
N LYS B 24 17.07 22.71 20.39
CA LYS B 24 16.74 22.35 21.76
C LYS B 24 18.01 22.24 22.60
N ILE B 25 17.91 22.63 23.85
CA ILE B 25 19.04 22.57 24.75
C ILE B 25 18.64 21.89 26.06
N SER B 26 19.63 21.46 26.81
CA SER B 26 19.40 20.84 28.10
C SER B 26 19.53 21.88 29.20
N LEU B 27 18.59 21.92 30.15
CA LEU B 27 18.69 22.85 31.27
C LEU B 27 17.88 22.45 32.50
N PHE B 28 18.39 22.80 33.68
CA PHE B 28 17.71 22.52 34.95
C PHE B 28 16.61 23.49 35.28
N TYR B 29 15.53 22.94 35.82
CA TYR B 29 14.44 23.74 36.34
C TYR B 29 13.95 22.98 37.56
N ASN B 30 13.80 23.71 38.66
CA ASN B 30 13.43 23.14 39.94
C ASN B 30 14.09 21.79 40.20
N ASN B 31 15.39 21.77 39.93
CA ASN B 31 16.24 20.65 40.28
C ASN B 31 15.96 19.45 39.43
N GLU B 32 15.35 19.67 38.28
CA GLU B 32 15.16 18.61 37.30
C GLU B 32 15.64 19.06 35.93
N LEU B 33 16.04 18.10 35.10
CA LEU B 33 16.56 18.38 33.77
C LEU B 33 15.43 18.47 32.74
N TYR B 34 15.59 19.35 31.76
CA TYR B 34 14.61 19.49 30.68
C TYR B 34 15.24 19.48 29.27
N MET B 35 14.43 19.05 28.31
CA MET B 35 14.74 19.32 26.92
C MET B 35 13.86 20.47 26.55
N VAL B 36 14.47 21.59 26.17
CA VAL B 36 13.73 22.79 25.88
C VAL B 36 13.69 23.08 24.38
N LYS B 37 12.57 22.73 23.75
CA LYS B 37 12.40 22.92 22.30
C LYS B 37 12.27 24.39 21.99
N PHE B 38 12.88 24.81 20.90
CA PHE B 38 12.72 26.15 20.40
C PHE B 38 11.90 26.07 19.17
N PRO B 39 11.15 27.12 18.89
CA PRO B 39 10.38 27.17 17.65
C PRO B 39 11.35 27.47 16.51
N PRO B 40 11.03 26.97 15.30
CA PRO B 40 11.74 27.30 14.05
C PRO B 40 11.15 28.56 13.41
N LYS B 41 11.83 29.15 12.43
CA LYS B 41 11.21 30.25 11.67
C LYS B 41 11.96 30.62 10.38
N PRO B 42 11.22 30.66 9.26
CA PRO B 42 11.71 30.78 7.87
C PRO B 42 12.20 32.19 7.54
N ASN B 52 5.27 28.05 16.14
CA ASN B 52 3.93 27.80 16.66
C ASN B 52 3.61 26.34 17.01
N GLY B 53 4.65 25.51 17.02
CA GLY B 53 4.52 24.13 17.43
C GLY B 53 4.93 23.96 18.87
N CYS B 54 5.43 25.05 19.46
CA CYS B 54 5.71 25.05 20.88
C CYS B 54 4.39 24.95 21.62
N PHE B 55 3.39 25.64 21.09
CA PHE B 55 2.06 25.63 21.70
C PHE B 55 1.33 24.29 21.52
N SER B 56 1.41 23.72 20.32
CA SER B 56 0.77 22.45 20.05
C SER B 56 1.33 21.41 20.99
N GLU B 57 2.66 21.42 21.12
CA GLU B 57 3.39 20.51 21.99
C GLU B 57 2.94 20.59 23.45
N TYR B 58 2.94 21.78 24.03
CA TYR B 58 2.40 21.92 25.37
C TYR B 58 0.96 21.41 25.49
N VAL B 59 0.03 22.03 24.75
CA VAL B 59 -1.41 21.69 24.83
C VAL B 59 -1.75 20.25 24.53
N ALA B 60 -1.26 19.78 23.39
CA ALA B 60 -1.52 18.42 22.96
C ALA B 60 -1.14 17.49 24.10
N CYS B 61 0.10 17.52 24.55
CA CYS B 61 0.51 16.65 25.65
C CYS B 61 -0.40 16.67 26.87
N HIS B 62 -0.74 17.87 27.34
CA HIS B 62 -1.64 18.04 28.49
C HIS B 62 -2.98 17.37 28.28
N ILE B 63 -3.43 17.33 27.03
CA ILE B 63 -4.65 16.62 26.73
C ILE B 63 -4.41 15.12 26.82
N VAL B 64 -3.24 14.69 26.37
CA VAL B 64 -2.92 13.27 26.39
C VAL B 64 -2.84 12.83 27.83
N ASN B 65 -2.38 13.73 28.70
CA ASN B 65 -2.26 13.42 30.11
C ASN B 65 -3.62 13.22 30.70
N SER B 66 -4.49 14.19 30.46
CA SER B 66 -5.88 14.14 30.92
C SER B 66 -6.56 12.87 30.44
N LEU B 67 -5.99 12.28 29.40
CA LEU B 67 -6.45 11.02 28.84
C LEU B 67 -5.96 9.77 29.62
N GLY B 68 -5.16 9.97 30.66
CA GLY B 68 -4.59 8.87 31.40
C GLY B 68 -3.48 8.10 30.70
N LEU B 69 -2.97 8.66 29.59
CA LEU B 69 -1.85 8.07 28.87
C LEU B 69 -0.55 8.70 29.38
N LYS B 70 0.54 7.92 29.42
CA LYS B 70 1.85 8.41 29.84
C LYS B 70 2.46 9.41 28.85
N VAL B 71 2.56 10.68 29.29
CA VAL B 71 3.07 11.75 28.44
C VAL B 71 4.27 12.43 29.07
N GLN B 72 5.03 13.16 28.26
CA GLN B 72 6.08 14.04 28.78
C GLN B 72 5.45 15.27 29.45
N GLU B 73 6.02 15.73 30.56
CA GLU B 73 5.58 16.97 31.21
C GLU B 73 6.03 18.17 30.38
N THR B 74 5.14 19.14 30.21
CA THR B 74 5.43 20.27 29.33
C THR B 74 5.09 21.61 29.95
N LEU B 75 6.04 22.53 29.93
CA LEU B 75 5.77 23.88 30.43
C LEU B 75 6.15 24.95 29.43
N LEU B 76 5.15 25.74 29.02
CA LEU B 76 5.43 26.97 28.32
C LEU B 76 6.30 27.88 29.22
N GLY B 77 7.17 28.67 28.61
CA GLY B 77 8.01 29.60 29.32
C GLY B 77 8.74 30.48 28.32
N THR B 78 9.46 31.48 28.79
CA THR B 78 10.26 32.28 27.86
C THR B 78 11.73 31.93 27.94
N TYR B 79 12.41 32.07 26.82
CA TYR B 79 13.85 32.01 26.79
C TYR B 79 14.37 33.09 25.88
N LYS B 80 14.97 34.12 26.50
CA LYS B 80 15.54 35.24 25.77
C LYS B 80 14.59 35.72 24.67
N ASN B 81 13.39 36.12 25.06
CA ASN B 81 12.44 36.73 24.14
C ASN B 81 11.91 35.77 23.08
N LYS B 82 12.07 34.47 23.34
CA LYS B 82 11.50 33.43 22.49
C LYS B 82 10.60 32.56 23.35
N ILE B 83 9.37 32.32 22.91
CA ILE B 83 8.48 31.43 23.65
C ILE B 83 8.92 29.98 23.41
N VAL B 84 8.96 29.23 24.49
CA VAL B 84 9.68 27.98 24.50
C VAL B 84 8.87 26.90 25.25
N VAL B 85 8.87 25.69 24.73
CA VAL B 85 8.22 24.63 25.48
C VAL B 85 9.27 23.75 26.17
N ALA B 86 9.11 23.57 27.47
CA ALA B 86 10.06 22.79 28.22
C ALA B 86 9.46 21.44 28.52
N CYS B 87 10.08 20.40 27.99
CA CYS B 87 9.61 19.04 28.17
C CYS B 87 10.52 18.35 29.15
N LYS B 88 9.96 17.85 30.25
CA LYS B 88 10.75 17.20 31.26
C LYS B 88 11.51 16.09 30.57
N ASP B 89 12.70 15.77 31.06
CA ASP B 89 13.62 14.95 30.32
C ASP B 89 13.56 13.53 30.86
N PHE B 90 13.15 12.58 30.01
CA PHE B 90 12.98 11.18 30.45
C PHE B 90 14.13 10.24 30.05
N THR B 91 15.24 10.81 29.58
CA THR B 91 16.46 10.03 29.32
C THR B 91 17.60 10.47 30.22
N THR B 92 17.31 10.49 31.52
CA THR B 92 18.26 10.84 32.56
C THR B 92 18.39 9.60 33.45
N HIS B 93 19.16 9.69 34.53
CA HIS B 93 19.31 8.56 35.44
C HIS B 93 19.70 7.29 34.69
N GLN B 94 20.43 7.46 33.58
CA GLN B 94 20.98 6.33 32.85
C GLN B 94 19.95 5.59 32.02
N TYR B 95 18.91 6.30 31.62
CA TYR B 95 17.91 5.75 30.73
C TYR B 95 18.16 6.24 29.32
N GLU B 96 18.14 5.30 28.38
CA GLU B 96 18.34 5.62 26.98
C GLU B 96 17.06 5.41 26.17
N LEU B 97 16.86 6.23 25.16
CA LEU B 97 15.70 6.09 24.31
C LEU B 97 16.07 5.40 23.00
N VAL B 98 15.38 4.29 22.71
CA VAL B 98 15.41 3.66 21.40
C VAL B 98 14.02 3.83 20.79
N ASP B 99 13.89 4.49 19.63
CA ASP B 99 12.57 4.66 19.02
C ASP B 99 12.12 3.47 18.16
N PHE B 100 10.88 3.54 17.70
CA PHE B 100 10.31 2.41 17.05
C PHE B 100 11.06 2.18 15.75
N LEU B 101 11.35 3.26 15.05
CA LEU B 101 12.17 3.20 13.84
C LEU B 101 13.32 2.17 13.92
N SER B 102 14.21 2.35 14.89
CA SER B 102 15.35 1.45 15.11
C SER B 102 14.96 0.01 15.30
N LEU B 103 13.87 -0.20 16.04
CA LEU B 103 13.25 -1.52 16.16
C LEU B 103 12.73 -2.09 14.82
N LYS B 104 11.92 -1.31 14.10
CA LYS B 104 11.36 -1.76 12.84
C LYS B 104 12.50 -2.16 11.89
N ASN B 105 13.61 -1.45 12.01
CA ASN B 105 14.78 -1.77 11.20
C ASN B 105 15.27 -3.20 11.43
N THR B 106 14.93 -3.82 12.56
CA THR B 106 15.28 -5.22 12.76
C THR B 106 14.39 -6.15 11.93
N MET B 107 13.25 -5.64 11.48
CA MET B 107 12.31 -6.47 10.72
C MET B 107 12.80 -6.72 9.30
N ILE B 108 13.86 -7.52 9.19
CA ILE B 108 14.52 -7.72 7.92
C ILE B 108 13.73 -8.59 6.93
N GLU B 109 12.72 -9.32 7.40
CA GLU B 109 11.94 -10.16 6.49
C GLU B 109 10.96 -9.31 5.68
N LEU B 110 10.65 -8.12 6.19
CA LEU B 110 10.01 -7.09 5.39
C LEU B 110 11.15 -6.44 4.66
N GLU B 111 11.05 -6.31 3.35
CA GLU B 111 12.11 -5.67 2.59
C GLU B 111 11.99 -4.14 2.68
N LYS B 112 11.18 -3.66 3.63
CA LYS B 112 10.94 -2.23 3.84
C LYS B 112 11.75 -1.71 5.02
N SER B 113 12.22 -0.46 4.94
CA SER B 113 13.05 0.09 6.03
C SER B 113 12.25 0.70 7.18
N GLY B 114 12.85 0.70 8.37
CA GLY B 114 12.15 1.08 9.60
C GLY B 114 11.49 2.45 9.60
N LYS B 115 12.01 3.35 8.78
CA LYS B 115 11.46 4.70 8.67
C LYS B 115 10.07 4.65 8.06
N ASP B 116 9.77 3.56 7.34
CA ASP B 116 8.54 3.38 6.58
C ASP B 116 7.33 3.27 7.51
N THR B 117 6.25 4.00 7.20
CA THR B 117 5.07 4.04 8.08
C THR B 117 3.83 3.25 7.63
N ASN B 118 3.95 2.41 6.61
CA ASN B 118 2.83 1.55 6.22
C ASN B 118 2.28 0.84 7.45
N LEU B 119 1.00 1.04 7.74
CA LEU B 119 0.39 0.55 8.97
C LEU B 119 0.56 -0.95 9.21
N ASN B 120 0.21 -1.77 8.23
CA ASN B 120 0.35 -3.23 8.38
C ASN B 120 1.74 -3.69 8.81
N ASP B 121 2.78 -3.13 8.21
CA ASP B 121 4.15 -3.46 8.60
C ASP B 121 4.43 -3.07 10.05
N VAL B 122 4.10 -1.81 10.37
CA VAL B 122 4.23 -1.29 11.72
C VAL B 122 3.56 -2.26 12.69
N LEU B 123 2.30 -2.57 12.42
CA LEU B 123 1.62 -3.63 13.15
C LEU B 123 2.46 -4.91 13.25
N TYR B 124 2.94 -5.42 12.12
CA TYR B 124 3.63 -6.70 12.07
C TYR B 124 4.84 -6.71 12.98
N ALA B 125 5.56 -5.59 13.00
CA ALA B 125 6.82 -5.51 13.73
C ALA B 125 6.51 -5.52 15.20
N ILE B 126 5.36 -4.95 15.54
CA ILE B 126 4.94 -4.90 16.94
C ILE B 126 4.80 -6.32 17.45
N ASP B 127 4.04 -7.13 16.70
CA ASP B 127 3.84 -8.54 17.01
C ASP B 127 5.14 -9.35 16.98
N ASN B 128 6.11 -8.91 16.18
CA ASN B 128 7.32 -9.70 16.06
C ASN B 128 8.55 -9.22 16.82
N GLN B 129 8.41 -8.11 17.54
CA GLN B 129 9.54 -7.57 18.29
C GLN B 129 9.67 -8.21 19.67
N HIS B 130 10.83 -8.07 20.30
CA HIS B 130 11.04 -8.73 21.57
C HIS B 130 11.44 -7.82 22.71
N PHE B 131 11.08 -6.54 22.61
CA PHE B 131 11.42 -5.55 23.63
C PHE B 131 10.36 -5.51 24.68
N ILE B 132 9.12 -5.57 24.21
CA ILE B 132 7.95 -5.37 25.04
C ILE B 132 6.95 -6.41 24.60
N GLU B 133 6.25 -7.01 25.57
CA GLU B 133 5.18 -7.95 25.29
C GLU B 133 4.23 -7.36 24.26
N PRO B 134 4.17 -7.99 23.08
CA PRO B 134 3.44 -7.49 21.92
C PRO B 134 1.98 -7.07 22.21
N LYS B 135 1.31 -7.69 23.17
CA LYS B 135 -0.02 -7.22 23.53
C LYS B 135 0.09 -5.84 24.22
N VAL B 136 0.97 -5.71 25.20
CA VAL B 136 1.16 -4.42 25.85
C VAL B 136 1.42 -3.36 24.78
N LEU B 137 2.44 -3.63 23.97
CA LEU B 137 2.87 -2.72 22.93
C LEU B 137 1.73 -2.39 21.94
N LYS B 138 0.99 -3.41 21.52
CA LYS B 138 -0.14 -3.19 20.60
C LYS B 138 -1.26 -2.33 21.25
N CYS B 139 -1.49 -2.51 22.55
CA CYS B 139 -2.51 -1.73 23.23
C CYS B 139 -2.08 -0.27 23.30
N PHE B 140 -0.88 -0.04 23.84
CA PHE B 140 -0.28 1.29 23.76
C PHE B 140 -0.49 1.92 22.39
N PHE B 141 0.09 1.31 21.37
CA PHE B 141 0.06 1.89 20.04
C PHE B 141 -1.29 2.45 19.61
N TRP B 142 -2.36 1.70 19.87
CA TRP B 142 -3.68 2.11 19.46
C TRP B 142 -4.23 3.12 20.43
N ASP B 143 -3.86 2.98 21.70
CA ASP B 143 -4.23 4.03 22.64
C ASP B 143 -3.70 5.31 22.04
N MET B 144 -2.45 5.27 21.59
CA MET B 144 -1.82 6.49 21.12
C MET B 144 -2.49 6.98 19.85
N PHE B 145 -2.89 6.04 19.02
CA PHE B 145 -3.47 6.39 17.73
C PHE B 145 -4.81 7.11 17.91
N VAL B 146 -5.55 6.73 18.94
CA VAL B 146 -6.78 7.42 19.26
C VAL B 146 -6.48 8.84 19.73
N ALA B 147 -5.60 8.95 20.69
CA ALA B 147 -5.15 10.26 21.11
C ALA B 147 -4.78 11.06 19.88
N ASP B 148 -3.87 10.53 19.06
CA ASP B 148 -3.47 11.19 17.82
C ASP B 148 -4.65 11.53 16.93
N THR B 149 -5.70 10.72 16.97
CA THR B 149 -6.88 11.00 16.16
C THR B 149 -7.54 12.28 16.66
N LEU B 150 -7.85 12.28 17.94
CA LEU B 150 -8.47 13.44 18.53
C LEU B 150 -7.65 14.70 18.24
N LEU B 151 -6.34 14.61 18.45
CA LEU B 151 -5.46 15.78 18.37
C LEU B 151 -5.08 16.21 16.96
N GLY B 152 -5.41 15.39 15.97
CA GLY B 152 -4.91 15.61 14.62
C GLY B 152 -3.38 15.59 14.48
N ASN B 153 -2.72 14.54 14.99
CA ASN B 153 -1.27 14.39 14.77
C ASN B 153 -0.98 13.96 13.35
N PHE B 154 -0.34 14.83 12.60
CA PHE B 154 -0.01 14.51 11.22
C PHE B 154 1.39 13.98 11.05
N ASP B 155 2.04 13.64 12.14
CA ASP B 155 3.39 13.13 12.05
C ASP B 155 3.81 12.20 13.15
N ARG B 156 3.09 11.14 13.37
CA ARG B 156 3.51 10.17 14.37
C ARG B 156 4.33 9.10 13.67
N HIS B 157 5.45 9.50 13.08
CA HIS B 157 6.32 8.58 12.38
C HIS B 157 7.06 7.72 13.39
N ASN B 158 7.95 6.86 12.91
CA ASN B 158 8.51 5.84 13.79
C ASN B 158 9.62 6.36 14.67
N GLY B 159 10.00 7.62 14.45
CA GLY B 159 10.94 8.30 15.31
C GLY B 159 10.23 9.17 16.34
N ASN B 160 8.90 9.03 16.42
CA ASN B 160 8.15 9.80 17.40
C ASN B 160 7.47 8.98 18.49
N TRP B 161 7.95 7.77 18.71
CA TRP B 161 7.62 7.03 19.94
C TRP B 161 8.64 5.90 20.13
N GLY B 162 8.63 5.22 21.28
CA GLY B 162 9.69 4.28 21.56
C GLY B 162 9.83 3.78 22.99
N PHE B 163 11.04 3.35 23.35
CA PHE B 163 11.25 2.58 24.55
C PHE B 163 12.45 3.10 25.31
N LEU B 164 12.40 2.97 26.63
CA LEU B 164 13.51 3.33 27.47
C LEU B 164 14.22 2.08 27.91
N ARG B 165 15.54 2.09 27.88
CA ARG B 165 16.33 0.98 28.44
C ARG B 165 17.30 1.55 29.47
N ALA B 166 17.70 0.73 30.44
CA ALA B 166 18.57 1.21 31.52
C ALA B 166 20.07 1.26 31.17
N GLU B 171 14.77 -5.40 29.86
CA GLU B 171 15.66 -4.29 29.59
C GLU B 171 14.85 -3.05 29.14
N TYR B 172 13.61 -3.28 28.70
CA TYR B 172 12.82 -2.21 28.09
C TYR B 172 11.43 -1.95 28.65
N GLN B 173 11.02 -0.71 28.48
CA GLN B 173 9.70 -0.25 28.82
C GLN B 173 9.33 0.80 27.81
N ILE B 174 8.05 1.08 27.70
CA ILE B 174 7.59 2.02 26.71
C ILE B 174 7.94 3.41 27.20
N ALA B 175 8.39 4.25 26.28
CA ALA B 175 8.72 5.62 26.63
C ALA B 175 7.44 6.43 26.59
N PRO B 176 7.41 7.52 27.36
CA PRO B 176 6.17 8.29 27.43
C PRO B 176 5.92 8.88 26.06
N ILE B 177 4.66 9.07 25.69
CA ILE B 177 4.39 9.73 24.44
C ILE B 177 5.12 11.05 24.43
N PHE B 178 5.75 11.35 23.32
CA PHE B 178 6.42 12.63 23.15
C PHE B 178 6.21 13.19 21.77
N ASP B 179 6.91 14.27 21.47
CA ASP B 179 6.79 14.97 20.19
C ASP B 179 5.36 15.09 19.65
N CYS B 180 4.47 15.72 20.42
CA CYS B 180 3.12 16.03 19.91
C CYS B 180 3.07 17.41 19.26
N GLY B 181 4.24 18.00 19.02
CA GLY B 181 4.31 19.28 18.35
C GLY B 181 3.59 19.30 17.02
N SER B 182 3.31 18.14 16.46
CA SER B 182 2.66 18.07 15.16
C SER B 182 1.13 17.84 15.26
N CYS B 183 0.56 18.24 16.39
CA CYS B 183 -0.87 18.11 16.56
C CYS B 183 -1.50 19.48 16.54
N LEU B 184 -2.83 19.50 16.41
CA LEU B 184 -3.62 20.70 16.59
C LEU B 184 -3.20 21.90 15.74
N TYR B 185 -2.85 21.67 14.48
CA TYR B 185 -2.70 22.75 13.51
C TYR B 185 -1.62 23.76 13.89
N PRO B 186 -0.35 23.35 13.77
CA PRO B 186 0.81 24.17 14.15
C PRO B 186 1.05 25.29 13.15
N GLN B 187 0.59 25.11 11.92
CA GLN B 187 0.65 26.13 10.86
C GLN B 187 -0.38 27.25 11.08
N ALA B 188 -1.54 26.89 11.62
CA ALA B 188 -2.60 27.88 11.83
C ALA B 188 -2.07 29.09 12.61
N ASP B 189 -2.26 30.28 12.04
CA ASP B 189 -1.97 31.55 12.73
C ASP B 189 -3.28 32.31 12.86
N ASP B 190 -3.26 33.48 13.51
CA ASP B 190 -4.50 34.22 13.75
C ASP B 190 -5.34 34.49 12.48
N VAL B 191 -4.69 34.66 11.34
CA VAL B 191 -5.40 34.82 10.09
C VAL B 191 -6.10 33.52 9.67
N VAL B 192 -5.42 32.40 9.90
CA VAL B 192 -6.01 31.10 9.59
C VAL B 192 -7.14 30.78 10.58
N CYS B 193 -6.84 30.86 11.87
CA CYS B 193 -7.86 30.69 12.92
C CYS B 193 -9.08 31.48 12.52
N GLN B 194 -8.84 32.70 12.04
CA GLN B 194 -9.92 33.58 11.60
C GLN B 194 -10.70 33.00 10.42
N LYS B 195 -10.00 32.73 9.34
CA LYS B 195 -10.62 32.14 8.17
C LYS B 195 -11.54 30.98 8.59
N VAL B 196 -10.94 29.92 9.14
CA VAL B 196 -11.67 28.71 9.53
C VAL B 196 -12.91 28.97 10.39
N LEU B 197 -12.74 29.78 11.42
CA LEU B 197 -13.81 30.00 12.39
C LEU B 197 -15.02 30.72 11.79
N SER B 198 -14.79 31.38 10.65
CA SER B 198 -15.83 32.14 9.98
C SER B 198 -16.38 31.41 8.76
N ASN B 199 -15.96 30.17 8.56
CA ASN B 199 -16.35 29.42 7.38
C ASN B 199 -16.40 27.90 7.57
N ILE B 200 -17.61 27.36 7.72
CA ILE B 200 -17.76 25.93 7.93
C ILE B 200 -17.09 25.07 6.85
N ASP B 201 -16.99 25.58 5.64
CA ASP B 201 -16.34 24.80 4.58
C ASP B 201 -14.89 24.57 4.94
N GLU B 202 -14.17 25.67 5.11
CA GLU B 202 -12.80 25.60 5.57
C GLU B 202 -12.70 24.64 6.76
N LEU B 203 -13.51 24.89 7.78
CA LEU B 203 -13.51 24.08 8.98
C LEU B 203 -13.56 22.60 8.62
N ASN B 204 -14.52 22.22 7.77
CA ASN B 204 -14.74 20.82 7.39
C ASN B 204 -13.50 20.22 6.75
N ALA B 205 -12.79 21.02 5.97
CA ALA B 205 -11.62 20.51 5.29
C ALA B 205 -10.59 20.08 6.33
N ARG B 206 -10.57 20.79 7.46
CA ARG B 206 -9.65 20.50 8.56
C ARG B 206 -10.18 19.44 9.52
N ILE B 207 -11.09 18.61 9.02
CA ILE B 207 -11.71 17.56 9.81
C ILE B 207 -11.74 16.24 9.03
N TYR B 208 -12.20 16.31 7.79
CA TYR B 208 -12.38 15.08 7.03
C TYR B 208 -11.17 14.75 6.15
N ASN B 209 -10.75 15.73 5.36
CA ASN B 209 -9.61 15.55 4.47
C ASN B 209 -8.25 15.58 5.17
N PHE B 210 -8.01 16.66 5.92
CA PHE B 210 -6.72 16.97 6.51
C PHE B 210 -6.89 17.50 7.94
N PRO B 211 -5.95 17.17 8.83
CA PRO B 211 -4.74 16.39 8.54
C PRO B 211 -5.01 14.89 8.43
N GLN B 212 -4.04 14.19 7.86
CA GLN B 212 -4.11 12.74 7.79
C GLN B 212 -2.97 12.17 8.63
N SER B 213 -3.16 10.94 9.08
CA SER B 213 -2.11 10.20 9.78
C SER B 213 -0.92 9.92 8.88
N ILE B 214 0.28 9.97 9.44
CA ILE B 214 1.48 9.65 8.70
C ILE B 214 1.56 8.16 8.40
N LEU B 215 0.69 7.39 9.05
CA LEU B 215 0.63 5.94 8.83
C LEU B 215 -0.14 5.60 7.56
N LYS B 216 0.38 4.67 6.75
CA LYS B 216 -0.15 4.41 5.41
C LYS B 216 -0.91 3.08 5.26
N ASP B 217 -1.84 3.04 4.29
CA ASP B 217 -2.49 1.79 3.92
C ASP B 217 -1.64 0.97 2.93
N ASP B 218 -2.15 -0.18 2.48
CA ASP B 218 -1.33 -1.04 1.64
C ASP B 218 -1.28 -0.56 0.20
N ASN B 219 -1.94 0.57 -0.06
CA ASN B 219 -1.87 1.26 -1.34
C ASN B 219 -0.89 2.44 -1.33
N ASP B 220 -0.29 2.65 -0.16
CA ASP B 220 0.68 3.71 0.06
C ASP B 220 0.14 5.14 0.15
N LYS B 221 -1.14 5.28 0.49
CA LYS B 221 -1.72 6.58 0.83
C LYS B 221 -1.63 6.81 2.35
N LYS B 222 -1.45 8.06 2.77
CA LYS B 222 -1.59 8.37 4.19
C LYS B 222 -3.00 7.94 4.55
N ILE B 223 -3.15 7.42 5.76
CA ILE B 223 -4.42 6.93 6.24
C ILE B 223 -5.31 8.07 6.70
N ASN B 224 -6.55 8.12 6.22
CA ASN B 224 -7.46 9.19 6.61
C ASN B 224 -8.08 8.99 8.00
N TYR B 225 -7.91 9.96 8.89
CA TYR B 225 -8.35 9.75 10.26
C TYR B 225 -9.80 9.32 10.28
N TYR B 226 -10.66 10.18 9.75
CA TYR B 226 -12.10 9.94 9.78
C TYR B 226 -12.46 8.62 9.14
N ASP B 227 -12.13 8.46 7.85
CA ASP B 227 -12.40 7.21 7.13
C ASP B 227 -11.94 6.02 7.95
N PHE B 228 -10.64 5.93 8.14
CA PHE B 228 -10.12 4.74 8.79
C PHE B 228 -10.90 4.36 10.04
N LEU B 229 -11.09 5.32 10.94
CA LEU B 229 -11.69 5.04 12.24
C LEU B 229 -13.17 4.68 12.16
N THR B 230 -13.83 5.09 11.07
CA THR B 230 -15.28 4.87 10.92
C THR B 230 -15.55 3.72 9.98
N GLN B 231 -14.49 3.02 9.64
CA GLN B 231 -14.52 1.92 8.71
C GLN B 231 -13.71 0.73 9.11
N THR B 232 -12.93 0.84 10.17
CA THR B 232 -12.02 -0.21 10.56
C THR B 232 -12.83 -1.36 11.12
N ASN B 233 -12.30 -2.57 11.00
CA ASN B 233 -12.81 -3.72 11.75
C ASN B 233 -11.70 -4.31 12.63
N ASN B 234 -10.61 -3.56 12.77
CA ASN B 234 -9.50 -3.94 13.63
C ASN B 234 -9.89 -3.96 15.09
N LYS B 235 -10.14 -5.15 15.65
CA LYS B 235 -10.61 -5.24 17.03
C LYS B 235 -9.71 -4.47 18.01
N ASP B 236 -8.43 -4.35 17.68
CA ASP B 236 -7.45 -3.66 18.51
C ASP B 236 -7.66 -2.14 18.50
N CYS B 237 -7.78 -1.57 17.32
CA CYS B 237 -8.16 -0.18 17.23
C CYS B 237 -9.51 0.08 17.94
N LEU B 238 -10.53 -0.73 17.63
CA LEU B 238 -11.85 -0.59 18.26
C LEU B 238 -11.83 -0.74 19.78
N ASP B 239 -11.12 -1.73 20.30
CA ASP B 239 -10.96 -1.84 21.75
C ASP B 239 -10.40 -0.57 22.35
N ALA B 240 -9.36 -0.02 21.74
CA ALA B 240 -8.74 1.19 22.27
C ALA B 240 -9.65 2.41 22.20
N LEU B 241 -10.60 2.41 21.26
CA LEU B 241 -11.58 3.50 21.23
C LEU B 241 -12.47 3.36 22.46
N LEU B 242 -13.08 2.19 22.61
CA LEU B 242 -14.00 1.97 23.72
C LEU B 242 -13.32 2.25 25.08
N ARG B 243 -11.99 2.28 25.06
CA ARG B 243 -11.18 2.38 26.25
C ARG B 243 -10.82 3.83 26.55
N ILE B 244 -10.50 4.59 25.51
CA ILE B 244 -10.09 5.96 25.71
C ILE B 244 -11.29 6.86 25.65
N TYR B 245 -12.31 6.46 24.89
CA TYR B 245 -13.46 7.34 24.74
C TYR B 245 -13.98 7.92 26.08
N PRO B 246 -14.20 7.06 27.08
CA PRO B 246 -14.61 7.50 28.42
C PRO B 246 -13.59 8.40 29.15
N ARG B 247 -12.30 8.31 28.82
CA ARG B 247 -11.31 9.07 29.57
C ARG B 247 -11.24 10.49 29.04
N ILE B 248 -12.00 10.74 27.98
CA ILE B 248 -12.00 12.04 27.34
C ILE B 248 -12.90 12.95 28.12
N ASP B 249 -12.37 14.10 28.51
CA ASP B 249 -13.17 15.05 29.26
C ASP B 249 -13.07 16.45 28.67
N MET B 250 -14.00 16.76 27.77
CA MET B 250 -14.02 18.03 27.09
C MET B 250 -13.94 19.21 28.05
N ASN B 251 -14.60 19.12 29.18
CA ASN B 251 -14.55 20.24 30.10
C ASN B 251 -13.13 20.50 30.55
N LYS B 252 -12.38 19.44 30.81
CA LYS B 252 -10.96 19.59 31.16
C LYS B 252 -10.15 20.09 29.96
N ILE B 253 -10.33 19.45 28.81
CA ILE B 253 -9.56 19.79 27.64
C ILE B 253 -9.70 21.27 27.31
N HIS B 254 -10.91 21.80 27.45
CA HIS B 254 -11.11 23.23 27.24
C HIS B 254 -10.39 24.07 28.30
N SER B 255 -10.41 23.58 29.52
CA SER B 255 -9.67 24.22 30.60
C SER B 255 -8.16 24.29 30.32
N ILE B 256 -7.57 23.17 29.88
CA ILE B 256 -6.15 23.17 29.44
C ILE B 256 -5.88 24.31 28.44
N ILE B 257 -6.79 24.45 27.47
CA ILE B 257 -6.76 25.52 26.47
C ILE B 257 -6.90 26.93 27.04
N ASP B 258 -7.82 27.10 27.99
CA ASP B 258 -7.99 28.37 28.67
C ASP B 258 -6.77 28.75 29.49
N ASN B 259 -6.08 27.74 30.01
CA ASN B 259 -4.94 28.01 30.87
C ASN B 259 -3.61 27.94 30.14
N THR B 260 -3.66 28.11 28.82
CA THR B 260 -2.45 28.13 28.03
C THR B 260 -1.81 29.51 28.09
N PRO B 261 -0.56 29.55 28.52
CA PRO B 261 0.12 30.77 28.98
C PRO B 261 0.31 31.94 27.99
N PHE B 262 0.66 31.71 26.73
CA PHE B 262 0.94 32.90 25.92
C PHE B 262 -0.04 33.05 24.78
N MET B 263 -0.60 31.92 24.37
CA MET B 263 -1.57 31.87 23.29
C MET B 263 -2.49 33.07 23.27
N SER B 264 -2.62 33.68 22.11
CA SER B 264 -3.62 34.72 21.90
C SER B 264 -4.99 34.15 22.19
N GLU B 265 -5.98 35.02 22.34
CA GLU B 265 -7.33 34.54 22.60
C GLU B 265 -7.98 33.95 21.37
N ILE B 266 -7.77 34.59 20.24
CA ILE B 266 -8.31 34.13 18.97
C ILE B 266 -7.86 32.71 18.66
N HIS B 267 -6.59 32.44 18.91
CA HIS B 267 -6.10 31.10 18.79
C HIS B 267 -6.83 30.18 19.78
N LYS B 268 -6.85 30.59 21.04
CA LYS B 268 -7.47 29.76 22.08
C LYS B 268 -8.84 29.25 21.68
N GLU B 269 -9.63 30.08 21.00
CA GLU B 269 -10.96 29.64 20.60
C GLU B 269 -10.99 28.89 19.28
N PHE B 270 -9.89 28.96 18.54
CA PHE B 270 -9.76 28.18 17.33
C PHE B 270 -9.64 26.73 17.73
N LEU B 271 -8.86 26.50 18.79
CA LEU B 271 -8.66 25.15 19.31
C LEU B 271 -9.91 24.61 19.99
N HIS B 272 -10.57 25.46 20.79
CA HIS B 272 -11.85 25.11 21.42
C HIS B 272 -12.77 24.53 20.36
N THR B 273 -12.97 25.30 19.30
CA THR B 273 -13.85 24.87 18.23
C THR B 273 -13.33 23.58 17.67
N MET B 274 -12.06 23.60 17.28
CA MET B 274 -11.48 22.48 16.56
C MET B 274 -11.55 21.18 17.36
N LEU B 275 -11.31 21.25 18.66
CA LEU B 275 -11.43 20.04 19.45
C LEU B 275 -12.87 19.52 19.57
N ASP B 276 -13.84 20.41 19.77
CA ASP B 276 -15.25 20.02 19.80
C ASP B 276 -15.65 19.31 18.54
N GLU B 277 -15.26 19.91 17.42
CA GLU B 277 -15.55 19.34 16.10
C GLU B 277 -14.93 17.96 15.88
N ARG B 278 -13.63 17.81 16.16
CA ARG B 278 -12.94 16.53 16.04
C ARG B 278 -13.61 15.50 16.94
N LYS B 279 -13.78 15.85 18.20
CA LYS B 279 -14.43 14.96 19.13
C LYS B 279 -15.79 14.53 18.61
N SER B 280 -16.52 15.47 18.03
CA SER B 280 -17.90 15.21 17.62
C SER B 280 -18.01 14.51 16.28
N LYS B 281 -17.27 14.98 15.28
CA LYS B 281 -17.42 14.41 13.94
C LYS B 281 -16.50 13.24 13.62
N ILE B 282 -15.51 12.97 14.48
CA ILE B 282 -14.74 11.75 14.29
C ILE B 282 -14.89 10.81 15.47
N ILE B 283 -14.45 11.26 16.63
CA ILE B 283 -14.47 10.38 17.82
C ILE B 283 -15.89 9.89 18.15
N ASP B 284 -16.82 10.82 18.38
CA ASP B 284 -18.20 10.44 18.70
C ASP B 284 -18.73 9.41 17.71
N VAL B 285 -18.76 9.79 16.45
CA VAL B 285 -19.22 8.89 15.43
C VAL B 285 -18.56 7.52 15.54
N ALA B 286 -17.23 7.48 15.42
CA ALA B 286 -16.51 6.20 15.44
C ALA B 286 -16.78 5.43 16.72
N HIS B 287 -16.73 6.13 17.85
CA HIS B 287 -17.02 5.49 19.10
C HIS B 287 -18.40 4.88 19.05
N THR B 288 -19.37 5.66 18.58
CA THR B 288 -20.77 5.20 18.56
C THR B 288 -20.96 3.89 17.81
N ARG B 289 -20.33 3.79 16.64
CA ARG B 289 -20.29 2.54 15.90
C ARG B 289 -19.55 1.46 16.68
N ALA B 290 -18.40 1.82 17.22
CA ALA B 290 -17.62 0.89 18.02
C ALA B 290 -18.52 0.26 19.06
N ILE B 291 -19.33 1.10 19.69
CA ILE B 291 -20.20 0.65 20.76
C ILE B 291 -21.21 -0.35 20.22
N GLU B 292 -21.68 -0.07 19.01
CA GLU B 292 -22.73 -0.86 18.38
C GLU B 292 -22.25 -2.25 17.90
N LEU B 293 -20.95 -2.48 17.91
CA LEU B 293 -20.44 -3.78 17.49
C LEU B 293 -20.12 -4.69 18.67
N SER B 294 -21.17 -5.00 19.43
CA SER B 294 -21.15 -5.98 20.51
C SER B 294 -22.59 -6.50 20.70
N LEU B 295 -22.79 -7.81 20.77
CA LEU B 295 -21.72 -8.81 20.67
C LEU B 295 -21.16 -8.91 19.25
N PRO C 2 -15.35 -48.15 -14.73
CA PRO C 2 -15.22 -47.36 -13.49
C PRO C 2 -14.98 -45.84 -13.70
N THR C 3 -14.22 -45.24 -12.79
CA THR C 3 -14.04 -43.78 -12.73
C THR C 3 -13.50 -43.19 -14.03
N ILE C 4 -13.96 -41.99 -14.37
CA ILE C 4 -13.53 -41.36 -15.61
C ILE C 4 -12.11 -40.80 -15.49
N ASP C 5 -11.55 -40.44 -16.62
CA ASP C 5 -10.28 -39.74 -16.66
C ASP C 5 -10.22 -38.91 -17.92
N PHE C 6 -10.26 -37.60 -17.73
CA PHE C 6 -10.22 -36.65 -18.84
C PHE C 6 -8.78 -36.34 -19.19
N THR C 7 -7.86 -36.83 -18.37
CA THR C 7 -6.45 -36.47 -18.50
C THR C 7 -6.01 -36.31 -19.96
N PHE C 8 -6.66 -37.04 -20.86
CA PHE C 8 -6.24 -37.06 -22.27
C PHE C 8 -7.27 -36.52 -23.26
N CYS C 9 -8.33 -35.91 -22.73
CA CYS C 9 -9.36 -35.33 -23.58
C CYS C 9 -8.84 -34.07 -24.30
N GLU C 10 -9.28 -33.89 -25.54
CA GLU C 10 -8.86 -32.76 -26.36
C GLU C 10 -9.23 -31.45 -25.68
N ILE C 11 -8.26 -30.58 -25.42
CA ILE C 11 -8.62 -29.31 -24.84
C ILE C 11 -9.07 -28.38 -25.94
N ASN C 12 -10.03 -27.50 -25.62
CA ASN C 12 -10.49 -26.45 -26.51
C ASN C 12 -9.76 -25.16 -26.18
N PRO C 13 -8.85 -24.71 -27.05
CA PRO C 13 -8.04 -23.59 -26.62
C PRO C 13 -8.70 -22.25 -26.97
N LYS C 14 -9.96 -22.28 -27.42
CA LYS C 14 -10.62 -21.07 -27.89
C LYS C 14 -11.86 -20.68 -27.08
N LYS C 15 -12.04 -21.33 -25.92
CA LYS C 15 -13.09 -20.95 -24.98
C LYS C 15 -12.46 -20.58 -23.63
N GLY C 16 -13.03 -19.59 -22.95
CA GLY C 16 -12.59 -19.22 -21.62
C GLY C 16 -13.68 -19.31 -20.58
N PHE C 17 -13.37 -19.07 -19.32
CA PHE C 17 -14.39 -19.09 -18.26
C PHE C 17 -14.09 -18.12 -17.08
N GLY C 18 -15.15 -17.54 -16.52
CA GLY C 18 -15.05 -16.59 -15.43
C GLY C 18 -14.92 -17.23 -14.06
N GLY C 19 -15.36 -16.52 -13.02
CA GLY C 19 -15.31 -17.01 -11.65
C GLY C 19 -13.95 -16.78 -11.02
N ALA C 20 -13.90 -16.78 -9.69
CA ALA C 20 -12.66 -16.51 -8.98
C ALA C 20 -12.04 -17.80 -8.45
N ASN C 21 -12.92 -18.77 -8.20
CA ASN C 21 -12.56 -20.01 -7.51
C ASN C 21 -11.88 -21.01 -8.41
N GLY C 22 -10.56 -21.08 -8.34
CA GLY C 22 -9.83 -22.09 -9.07
C GLY C 22 -10.00 -21.99 -10.58
N ASN C 23 -9.20 -22.79 -11.28
CA ASN C 23 -9.16 -22.75 -12.74
C ASN C 23 -10.28 -23.54 -13.43
N LYS C 24 -10.32 -23.43 -14.75
CA LYS C 24 -11.22 -24.22 -15.59
C LYS C 24 -10.86 -24.13 -17.08
N ILE C 25 -10.65 -25.28 -17.70
CA ILE C 25 -10.40 -25.38 -19.15
C ILE C 25 -11.60 -25.95 -19.91
N SER C 26 -11.72 -25.61 -21.19
CA SER C 26 -12.81 -26.15 -22.00
C SER C 26 -12.34 -27.34 -22.85
N LEU C 27 -12.87 -28.53 -22.59
CA LEU C 27 -12.45 -29.69 -23.36
C LEU C 27 -13.57 -30.58 -23.92
N PHE C 28 -13.14 -31.59 -24.67
CA PHE C 28 -14.03 -32.48 -25.39
C PHE C 28 -14.10 -33.84 -24.73
N TYR C 29 -15.22 -34.14 -24.10
CA TYR C 29 -15.45 -35.47 -23.58
C TYR C 29 -16.61 -36.12 -24.32
N ASN C 30 -16.35 -37.27 -24.93
CA ASN C 30 -17.36 -37.97 -25.72
C ASN C 30 -17.99 -37.06 -26.77
N ASN C 31 -17.12 -36.40 -27.55
CA ASN C 31 -17.53 -35.44 -28.56
C ASN C 31 -18.51 -34.40 -28.04
N GLU C 32 -18.29 -34.01 -26.80
CA GLU C 32 -19.11 -33.02 -26.11
C GLU C 32 -18.23 -31.95 -25.46
N LEU C 33 -18.70 -30.70 -25.48
CA LEU C 33 -17.95 -29.61 -24.87
C LEU C 33 -18.15 -29.49 -23.36
N TYR C 34 -17.05 -29.38 -22.63
CA TYR C 34 -17.11 -29.23 -21.18
C TYR C 34 -16.38 -28.01 -20.63
N MET C 35 -16.83 -27.62 -19.44
CA MET C 35 -16.11 -26.70 -18.60
C MET C 35 -15.73 -27.51 -17.39
N VAL C 36 -14.50 -27.98 -17.35
CA VAL C 36 -14.01 -28.75 -16.22
C VAL C 36 -13.39 -27.79 -15.22
N LYS C 37 -13.76 -27.92 -13.95
CA LYS C 37 -13.29 -26.99 -12.93
C LYS C 37 -12.35 -27.65 -11.94
N PHE C 38 -11.06 -27.36 -12.04
CA PHE C 38 -10.10 -27.78 -11.01
C PHE C 38 -10.25 -26.88 -9.82
N PRO C 39 -10.02 -27.43 -8.62
CA PRO C 39 -10.08 -26.60 -7.44
C PRO C 39 -8.76 -25.86 -7.25
N PRO C 40 -8.74 -24.87 -6.35
CA PRO C 40 -7.50 -24.23 -5.88
C PRO C 40 -7.03 -25.00 -4.63
N LYS C 41 -5.84 -24.73 -4.12
CA LYS C 41 -5.37 -25.43 -2.90
C LYS C 41 -4.53 -24.59 -1.91
N PRO C 42 -4.75 -24.80 -0.59
CA PRO C 42 -4.00 -24.12 0.47
C PRO C 42 -2.53 -24.54 0.54
N ASN C 52 -13.08 -31.11 -3.95
CA ASN C 52 -13.77 -31.01 -2.66
C ASN C 52 -15.01 -30.12 -2.74
N GLY C 53 -14.87 -29.01 -3.47
CA GLY C 53 -16.02 -28.20 -3.83
C GLY C 53 -16.55 -28.76 -5.13
N CYS C 54 -15.72 -29.59 -5.77
CA CYS C 54 -16.09 -30.32 -6.97
C CYS C 54 -17.25 -31.27 -6.71
N PHE C 55 -17.24 -31.88 -5.52
CA PHE C 55 -18.31 -32.81 -5.11
C PHE C 55 -19.63 -32.08 -4.96
N SER C 56 -19.56 -30.96 -4.27
CA SER C 56 -20.74 -30.17 -3.98
C SER C 56 -21.43 -29.80 -5.28
N GLU C 57 -20.60 -29.45 -6.26
CA GLU C 57 -21.09 -29.15 -7.60
C GLU C 57 -21.87 -30.35 -8.13
N TYR C 58 -21.15 -31.46 -8.33
CA TYR C 58 -21.71 -32.71 -8.85
C TYR C 58 -23.03 -33.11 -8.19
N VAL C 59 -22.95 -33.42 -6.91
CA VAL C 59 -24.12 -33.84 -6.17
C VAL C 59 -25.24 -32.80 -6.21
N ALA C 60 -25.01 -31.65 -5.57
CA ALA C 60 -25.98 -30.58 -5.56
C ALA C 60 -26.62 -30.38 -6.93
N CYS C 61 -25.81 -30.08 -7.94
CA CYS C 61 -26.32 -29.97 -9.30
C CYS C 61 -27.28 -31.10 -9.67
N HIS C 62 -26.81 -32.34 -9.52
CA HIS C 62 -27.62 -33.54 -9.77
C HIS C 62 -28.91 -33.53 -8.96
N ILE C 63 -28.80 -33.17 -7.69
CA ILE C 63 -29.97 -33.06 -6.85
C ILE C 63 -30.96 -32.09 -7.47
N VAL C 64 -30.45 -31.00 -8.02
CA VAL C 64 -31.29 -29.98 -8.66
C VAL C 64 -31.95 -30.56 -9.90
N ASN C 65 -31.40 -31.66 -10.38
CA ASN C 65 -32.07 -32.39 -11.44
C ASN C 65 -33.17 -33.31 -10.90
N SER C 66 -32.90 -33.95 -9.78
CA SER C 66 -33.90 -34.76 -9.08
C SER C 66 -35.13 -33.95 -8.65
N LEU C 67 -35.00 -32.63 -8.65
CA LEU C 67 -36.11 -31.73 -8.38
C LEU C 67 -36.73 -31.32 -9.70
N GLY C 68 -36.18 -31.89 -10.77
CA GLY C 68 -36.67 -31.66 -12.12
C GLY C 68 -36.47 -30.24 -12.64
N LEU C 69 -35.46 -29.54 -12.12
CA LEU C 69 -35.18 -28.17 -12.57
C LEU C 69 -34.04 -28.15 -13.59
N LYS C 70 -34.15 -27.23 -14.54
CA LYS C 70 -33.17 -27.12 -15.61
C LYS C 70 -31.82 -26.93 -14.94
N VAL C 71 -30.93 -27.90 -15.05
CA VAL C 71 -29.62 -27.81 -14.42
C VAL C 71 -28.51 -28.24 -15.37
N GLN C 72 -27.27 -27.92 -15.00
CA GLN C 72 -26.11 -28.41 -15.74
C GLN C 72 -25.78 -29.86 -15.37
N GLU C 73 -25.40 -30.63 -16.38
CA GLU C 73 -24.99 -32.01 -16.19
C GLU C 73 -23.56 -31.99 -15.75
N THR C 74 -23.29 -32.60 -14.60
CA THR C 74 -21.93 -32.68 -14.10
C THR C 74 -21.44 -34.12 -14.12
N LEU C 75 -20.14 -34.29 -14.17
CA LEU C 75 -19.53 -35.58 -13.97
C LEU C 75 -18.26 -35.37 -13.19
N LEU C 76 -18.01 -36.25 -12.23
CA LEU C 76 -16.73 -36.29 -11.53
C LEU C 76 -15.75 -37.21 -12.27
N GLY C 77 -14.54 -36.71 -12.51
CA GLY C 77 -13.52 -37.51 -13.13
C GLY C 77 -12.13 -37.20 -12.57
N THR C 78 -11.10 -37.59 -13.30
CA THR C 78 -9.75 -37.28 -12.87
C THR C 78 -8.95 -36.65 -14.01
N TYR C 79 -8.17 -35.61 -13.68
CA TYR C 79 -7.24 -35.00 -14.63
C TYR C 79 -5.86 -34.88 -13.99
N LYS C 80 -4.87 -35.52 -14.61
CA LYS C 80 -3.51 -35.58 -14.05
C LYS C 80 -3.51 -35.84 -12.55
N ASN C 81 -4.54 -36.56 -12.10
CA ASN C 81 -4.71 -36.95 -10.69
C ASN C 81 -5.38 -35.93 -9.76
N LYS C 82 -5.57 -34.69 -10.22
CA LYS C 82 -6.43 -33.73 -9.52
C LYS C 82 -7.88 -34.14 -9.76
N ILE C 83 -8.59 -34.54 -8.70
CA ILE C 83 -9.97 -35.01 -8.85
C ILE C 83 -10.91 -33.83 -9.07
N VAL C 84 -11.52 -33.82 -10.26
CA VAL C 84 -12.13 -32.61 -10.80
C VAL C 84 -13.63 -32.81 -11.09
N VAL C 85 -14.35 -31.71 -11.31
CA VAL C 85 -15.75 -31.80 -11.72
C VAL C 85 -16.00 -31.13 -13.04
N ALA C 86 -16.53 -31.88 -14.00
CA ALA C 86 -16.80 -31.33 -15.32
C ALA C 86 -18.27 -30.95 -15.49
N CYS C 87 -18.51 -29.88 -16.23
CA CYS C 87 -19.86 -29.36 -16.43
C CYS C 87 -20.12 -29.23 -17.91
N LYS C 88 -21.21 -29.82 -18.38
CA LYS C 88 -21.52 -29.77 -19.80
C LYS C 88 -21.68 -28.32 -20.20
N ASP C 89 -20.71 -27.82 -20.94
CA ASP C 89 -20.75 -26.46 -21.46
C ASP C 89 -22.07 -26.23 -22.18
N PHE C 90 -22.82 -25.21 -21.75
CA PHE C 90 -24.07 -24.86 -22.44
C PHE C 90 -24.02 -23.56 -23.23
N THR C 91 -22.81 -23.06 -23.48
CA THR C 91 -22.61 -21.88 -24.30
C THR C 91 -21.67 -22.15 -25.48
N THR C 92 -22.21 -22.23 -26.69
CA THR C 92 -21.36 -22.52 -27.84
C THR C 92 -21.71 -21.63 -29.05
N TYR C 95 -24.32 -19.05 -28.50
CA TYR C 95 -24.82 -18.96 -27.12
C TYR C 95 -23.98 -18.18 -26.11
N GLU C 96 -24.32 -16.91 -25.90
CA GLU C 96 -23.66 -16.11 -24.88
C GLU C 96 -24.49 -16.07 -23.60
N LEU C 97 -23.81 -16.32 -22.48
CA LEU C 97 -24.44 -16.26 -21.16
C LEU C 97 -24.26 -14.88 -20.50
N VAL C 98 -25.38 -14.28 -20.10
CA VAL C 98 -25.41 -12.97 -19.48
C VAL C 98 -26.01 -13.12 -18.08
N ASP C 99 -25.25 -12.74 -17.04
CA ASP C 99 -25.70 -12.99 -15.67
C ASP C 99 -26.68 -11.95 -15.14
N PHE C 100 -27.16 -12.20 -13.94
CA PHE C 100 -28.24 -11.39 -13.45
C PHE C 100 -27.68 -10.07 -12.93
N LEU C 101 -26.45 -10.13 -12.47
CA LEU C 101 -25.69 -8.95 -12.14
C LEU C 101 -25.87 -7.88 -13.22
N SER C 102 -25.65 -8.29 -14.47
CA SER C 102 -25.76 -7.38 -15.59
C SER C 102 -27.17 -6.87 -15.83
N LEU C 103 -28.17 -7.71 -15.61
CA LEU C 103 -29.54 -7.25 -15.65
C LEU C 103 -29.71 -6.15 -14.62
N LYS C 104 -29.46 -6.53 -13.37
CA LYS C 104 -29.72 -5.65 -12.23
C LYS C 104 -28.96 -4.34 -12.37
N ASN C 105 -27.84 -4.39 -13.08
CA ASN C 105 -27.02 -3.20 -13.23
C ASN C 105 -27.70 -2.14 -14.06
N THR C 106 -28.79 -2.51 -14.73
CA THR C 106 -29.57 -1.54 -15.49
C THR C 106 -30.59 -0.86 -14.59
N MET C 107 -30.73 -1.36 -13.37
CA MET C 107 -31.82 -0.92 -12.50
C MET C 107 -31.44 0.37 -11.78
N ILE C 108 -31.23 1.40 -12.57
CA ILE C 108 -30.71 2.66 -12.07
C ILE C 108 -31.60 3.30 -11.01
N GLU C 109 -32.92 3.20 -11.21
CA GLU C 109 -33.89 3.76 -10.28
C GLU C 109 -33.55 3.38 -8.85
N LEU C 110 -33.31 2.09 -8.58
CA LEU C 110 -32.65 1.76 -7.33
C LEU C 110 -31.28 2.33 -7.46
N GLU C 111 -30.88 3.15 -6.50
CA GLU C 111 -29.51 3.63 -6.51
C GLU C 111 -28.65 2.59 -5.76
N LYS C 112 -28.59 1.39 -6.32
CA LYS C 112 -27.90 0.27 -5.69
C LYS C 112 -27.07 -0.40 -6.76
N SER C 113 -25.93 -0.95 -6.37
CA SER C 113 -25.04 -1.59 -7.32
C SER C 113 -25.66 -2.89 -7.80
N GLY C 114 -25.29 -3.31 -9.01
CA GLY C 114 -25.83 -4.53 -9.59
C GLY C 114 -25.44 -5.80 -8.84
N LYS C 115 -24.40 -5.69 -8.02
CA LYS C 115 -23.85 -6.82 -7.27
C LYS C 115 -24.57 -7.04 -5.96
N ASP C 116 -25.38 -6.05 -5.55
CA ASP C 116 -26.06 -6.07 -4.25
C ASP C 116 -27.25 -7.03 -4.22
N THR C 117 -27.31 -7.82 -3.15
CA THR C 117 -28.21 -8.97 -3.06
C THR C 117 -29.45 -8.76 -2.19
N ASN C 118 -29.88 -7.52 -2.03
CA ASN C 118 -31.10 -7.24 -1.28
C ASN C 118 -32.30 -7.90 -1.96
N LEU C 119 -32.97 -8.80 -1.25
CA LEU C 119 -34.03 -9.60 -1.87
C LEU C 119 -35.15 -8.77 -2.52
N ASN C 120 -35.48 -7.62 -1.95
CA ASN C 120 -36.55 -6.79 -2.51
C ASN C 120 -36.05 -6.03 -3.72
N ASP C 121 -34.77 -5.65 -3.66
CA ASP C 121 -34.10 -5.06 -4.80
C ASP C 121 -34.06 -6.05 -5.98
N VAL C 122 -33.51 -7.23 -5.73
CA VAL C 122 -33.48 -8.31 -6.72
C VAL C 122 -34.84 -8.48 -7.43
N LEU C 123 -35.90 -8.60 -6.63
CA LEU C 123 -37.23 -8.81 -7.19
C LEU C 123 -37.74 -7.61 -7.96
N TYR C 124 -37.33 -6.41 -7.56
CA TYR C 124 -37.76 -5.22 -8.30
C TYR C 124 -37.22 -5.32 -9.70
N ALA C 125 -36.01 -5.87 -9.79
CA ALA C 125 -35.31 -6.12 -11.05
C ALA C 125 -36.06 -7.17 -11.84
N ILE C 126 -36.47 -8.23 -11.15
CA ILE C 126 -37.22 -9.30 -11.79
C ILE C 126 -38.53 -8.78 -12.39
N ASP C 127 -39.20 -7.93 -11.62
CA ASP C 127 -40.46 -7.34 -12.08
C ASP C 127 -40.27 -6.47 -13.32
N ASN C 128 -39.35 -5.51 -13.22
CA ASN C 128 -39.14 -4.54 -14.30
C ASN C 128 -38.03 -4.85 -15.32
N GLN C 129 -37.57 -6.09 -15.41
CA GLN C 129 -36.61 -6.41 -16.48
C GLN C 129 -37.39 -6.75 -17.74
N HIS C 130 -36.70 -6.82 -18.87
CA HIS C 130 -37.35 -7.04 -20.14
C HIS C 130 -36.67 -8.17 -20.89
N PHE C 131 -35.85 -8.96 -20.20
CA PHE C 131 -35.16 -10.07 -20.85
C PHE C 131 -36.15 -11.21 -21.00
N ILE C 132 -36.81 -11.52 -19.91
CA ILE C 132 -37.69 -12.65 -19.83
C ILE C 132 -39.04 -12.16 -19.33
N GLU C 133 -40.11 -12.80 -19.76
CA GLU C 133 -41.36 -12.41 -19.22
C GLU C 133 -41.17 -12.64 -17.75
N PRO C 134 -41.46 -11.60 -17.01
CA PRO C 134 -41.19 -11.50 -15.57
C PRO C 134 -41.68 -12.66 -14.73
N LYS C 135 -42.98 -12.86 -14.61
CA LYS C 135 -43.53 -13.98 -13.84
C LYS C 135 -42.77 -15.30 -14.08
N VAL C 136 -42.47 -15.63 -15.35
CA VAL C 136 -41.65 -16.81 -15.67
C VAL C 136 -40.34 -16.83 -14.86
N LEU C 137 -39.58 -15.75 -15.00
CA LEU C 137 -38.33 -15.56 -14.29
C LEU C 137 -38.57 -15.59 -12.77
N LYS C 138 -39.69 -15.01 -12.36
CA LYS C 138 -40.06 -14.96 -10.95
C LYS C 138 -40.29 -16.36 -10.36
N CYS C 139 -41.02 -17.21 -11.09
CA CYS C 139 -41.23 -18.57 -10.61
C CYS C 139 -39.91 -19.35 -10.57
N PHE C 140 -39.08 -19.19 -11.61
CA PHE C 140 -37.75 -19.81 -11.61
C PHE C 140 -36.89 -19.38 -10.42
N PHE C 141 -36.74 -18.07 -10.25
CA PHE C 141 -35.93 -17.56 -9.17
C PHE C 141 -36.27 -18.25 -7.86
N TRP C 142 -37.57 -18.31 -7.57
CA TRP C 142 -38.11 -18.96 -6.37
C TRP C 142 -37.94 -20.45 -6.39
N ASP C 143 -38.39 -21.08 -7.49
CA ASP C 143 -38.09 -22.48 -7.73
C ASP C 143 -36.64 -22.72 -7.32
N MET C 144 -35.74 -21.88 -7.82
CA MET C 144 -34.33 -22.02 -7.51
C MET C 144 -34.09 -21.76 -6.04
N PHE C 145 -34.85 -20.85 -5.46
CA PHE C 145 -34.63 -20.53 -4.07
C PHE C 145 -34.92 -21.72 -3.20
N VAL C 146 -36.08 -22.31 -3.44
CA VAL C 146 -36.50 -23.55 -2.80
C VAL C 146 -35.35 -24.53 -2.82
N ALA C 147 -34.83 -24.79 -4.01
CA ALA C 147 -33.73 -25.73 -4.15
C ALA C 147 -32.57 -25.27 -3.28
N ASP C 148 -32.27 -23.99 -3.35
CA ASP C 148 -31.18 -23.41 -2.59
C ASP C 148 -31.38 -23.75 -1.14
N THR C 149 -32.63 -23.67 -0.73
CA THR C 149 -33.01 -23.97 0.63
C THR C 149 -32.55 -25.35 1.05
N LEU C 150 -32.79 -26.33 0.18
CA LEU C 150 -32.42 -27.71 0.51
C LEU C 150 -30.92 -27.86 0.61
N LEU C 151 -30.22 -27.43 -0.43
CA LEU C 151 -28.79 -27.66 -0.52
C LEU C 151 -27.98 -26.71 0.36
N GLY C 152 -28.65 -25.70 0.91
CA GLY C 152 -27.97 -24.68 1.67
C GLY C 152 -26.92 -23.94 0.86
N ASN C 153 -27.38 -23.25 -0.19
CA ASN C 153 -26.48 -22.44 -0.97
C ASN C 153 -26.18 -21.16 -0.19
N PHE C 154 -24.89 -20.91 0.07
CA PHE C 154 -24.48 -19.70 0.77
C PHE C 154 -23.83 -18.71 -0.19
N ASP C 155 -23.99 -18.96 -1.48
CA ASP C 155 -23.44 -18.10 -2.51
C ASP C 155 -24.30 -18.15 -3.77
N ARG C 156 -25.48 -17.55 -3.70
CA ARG C 156 -26.33 -17.41 -4.87
C ARG C 156 -26.37 -15.94 -5.31
N HIS C 157 -25.18 -15.35 -5.42
CA HIS C 157 -25.02 -13.96 -5.82
C HIS C 157 -25.38 -13.75 -7.29
N ASN C 158 -25.64 -12.52 -7.67
CA ASN C 158 -26.26 -12.21 -8.96
C ASN C 158 -25.46 -12.71 -10.19
N GLY C 159 -24.21 -13.10 -9.94
CA GLY C 159 -23.39 -13.68 -10.98
C GLY C 159 -23.44 -15.19 -10.99
N ASN C 160 -24.40 -15.76 -10.24
CA ASN C 160 -24.54 -17.21 -10.15
C ASN C 160 -25.82 -17.78 -10.76
N TRP C 161 -26.58 -16.93 -11.46
CA TRP C 161 -27.68 -17.35 -12.30
C TRP C 161 -27.87 -16.29 -13.35
N GLY C 162 -28.57 -16.61 -14.44
CA GLY C 162 -28.69 -15.67 -15.55
C GLY C 162 -29.37 -16.23 -16.77
N PHE C 163 -28.99 -15.72 -17.94
CA PHE C 163 -29.77 -15.88 -19.15
C PHE C 163 -28.93 -16.31 -20.33
N LEU C 164 -29.57 -16.92 -21.32
CA LEU C 164 -28.90 -17.32 -22.54
C LEU C 164 -29.43 -16.51 -23.73
N ARG C 165 -28.51 -16.04 -24.57
CA ARG C 165 -28.86 -15.17 -25.68
C ARG C 165 -28.16 -15.63 -26.95
N ALA C 166 -28.86 -15.56 -28.08
CA ALA C 166 -28.32 -15.97 -29.39
C ALA C 166 -27.32 -14.95 -30.02
N GLU C 171 -34.83 -13.41 -28.06
CA GLU C 171 -33.36 -13.44 -28.04
C GLU C 171 -32.78 -13.81 -26.66
N TYR C 172 -33.64 -14.30 -25.77
CA TYR C 172 -33.25 -14.65 -24.41
C TYR C 172 -34.04 -15.79 -23.83
N GLN C 173 -33.36 -16.82 -23.37
CA GLN C 173 -33.98 -17.80 -22.49
C GLN C 173 -33.20 -17.76 -21.18
N ILE C 174 -33.70 -18.42 -20.15
CA ILE C 174 -32.95 -18.51 -18.90
C ILE C 174 -31.86 -19.57 -19.02
N ALA C 175 -30.67 -19.26 -18.52
CA ALA C 175 -29.64 -20.27 -18.46
C ALA C 175 -30.05 -21.31 -17.43
N PRO C 176 -29.53 -22.54 -17.56
CA PRO C 176 -29.70 -23.60 -16.56
C PRO C 176 -29.06 -23.19 -15.26
N ILE C 177 -29.56 -23.68 -14.13
CA ILE C 177 -28.90 -23.48 -12.84
C ILE C 177 -27.44 -23.97 -12.83
N PHE C 178 -26.52 -23.18 -12.27
CA PHE C 178 -25.13 -23.64 -12.12
C PHE C 178 -24.41 -23.26 -10.81
N ASP C 179 -23.09 -23.39 -10.77
CA ASP C 179 -22.32 -22.89 -9.65
C ASP C 179 -23.03 -23.26 -8.39
N CYS C 180 -23.52 -24.48 -8.32
CA CYS C 180 -24.05 -25.03 -7.08
C CYS C 180 -22.90 -25.64 -6.30
N GLY C 181 -21.70 -25.07 -6.43
CA GLY C 181 -20.53 -25.56 -5.73
C GLY C 181 -20.47 -24.98 -4.34
N SER C 182 -21.45 -24.13 -4.04
CA SER C 182 -21.53 -23.48 -2.74
C SER C 182 -22.68 -24.08 -1.94
N CYS C 183 -22.89 -25.37 -2.13
CA CYS C 183 -23.95 -26.08 -1.44
C CYS C 183 -23.31 -27.20 -0.64
N LEU C 184 -24.10 -27.81 0.23
CA LEU C 184 -23.64 -28.96 1.01
C LEU C 184 -22.21 -28.74 1.52
N TYR C 185 -22.02 -27.75 2.35
CA TYR C 185 -20.85 -27.69 3.20
C TYR C 185 -19.53 -27.98 2.52
N PRO C 186 -19.26 -27.31 1.43
CA PRO C 186 -18.03 -27.53 0.65
C PRO C 186 -16.87 -27.29 1.58
N GLN C 187 -17.22 -26.74 2.73
CA GLN C 187 -16.30 -26.38 3.80
C GLN C 187 -15.78 -27.62 4.52
N ALA C 188 -16.70 -28.54 4.84
CA ALA C 188 -16.40 -29.67 5.72
C ALA C 188 -15.50 -30.74 5.10
N ASP C 189 -14.46 -31.12 5.85
CA ASP C 189 -13.70 -32.33 5.54
C ASP C 189 -14.06 -33.42 6.57
N ASP C 190 -13.33 -34.52 6.56
CA ASP C 190 -13.67 -35.67 7.40
C ASP C 190 -13.52 -35.39 8.90
N VAL C 191 -12.48 -34.66 9.26
CA VAL C 191 -12.28 -34.22 10.64
C VAL C 191 -13.59 -33.62 11.17
N VAL C 192 -14.27 -32.90 10.28
CA VAL C 192 -15.51 -32.22 10.61
C VAL C 192 -16.73 -33.13 10.38
N CYS C 193 -16.55 -34.19 9.58
CA CYS C 193 -17.62 -35.17 9.37
C CYS C 193 -17.85 -36.00 10.61
N GLN C 194 -16.75 -36.43 11.23
CA GLN C 194 -16.80 -37.03 12.56
C GLN C 194 -17.25 -35.94 13.53
N LYS C 195 -16.56 -34.81 13.47
CA LYS C 195 -16.88 -33.65 14.31
C LYS C 195 -18.38 -33.35 14.33
N VAL C 196 -19.05 -33.56 13.20
CA VAL C 196 -20.48 -33.23 13.12
C VAL C 196 -21.40 -34.41 13.39
N LEU C 197 -21.21 -35.51 12.67
CA LEU C 197 -22.11 -36.66 12.77
C LEU C 197 -22.25 -37.15 14.20
N SER C 198 -21.39 -36.65 15.08
CA SER C 198 -21.46 -37.10 16.45
C SER C 198 -22.29 -36.20 17.35
N ASN C 199 -21.77 -35.06 17.76
CA ASN C 199 -22.55 -34.15 18.60
C ASN C 199 -23.79 -33.57 17.92
N ILE C 200 -24.96 -34.01 18.38
CA ILE C 200 -26.23 -33.62 17.77
C ILE C 200 -26.58 -32.17 18.07
N ASP C 201 -25.61 -31.41 18.57
CA ASP C 201 -25.76 -29.97 18.76
C ASP C 201 -24.87 -29.23 17.76
N GLU C 202 -23.76 -29.87 17.39
CA GLU C 202 -22.88 -29.34 16.36
C GLU C 202 -23.57 -29.50 15.00
N LEU C 203 -24.29 -30.60 14.84
CA LEU C 203 -25.07 -30.87 13.63
C LEU C 203 -26.28 -29.95 13.61
N ASN C 204 -26.85 -29.74 14.79
CA ASN C 204 -28.05 -28.90 14.98
C ASN C 204 -27.80 -27.44 14.60
N ALA C 205 -26.61 -26.95 14.97
CA ALA C 205 -26.22 -25.60 14.61
C ALA C 205 -26.23 -25.42 13.09
N ARG C 206 -25.61 -26.31 12.36
CA ARG C 206 -25.35 -26.05 10.96
C ARG C 206 -26.63 -25.86 10.18
N ILE C 207 -27.75 -26.17 10.79
CA ILE C 207 -29.04 -26.24 10.11
C ILE C 207 -29.87 -24.98 10.37
N TYR C 208 -29.58 -24.30 11.47
CA TYR C 208 -30.33 -23.12 11.87
C TYR C 208 -29.52 -21.83 11.85
N ASN C 209 -28.22 -22.01 11.59
CA ASN C 209 -27.27 -20.89 11.59
C ASN C 209 -26.24 -20.64 10.46
N PHE C 210 -25.26 -21.51 10.21
CA PHE C 210 -24.28 -21.23 9.16
C PHE C 210 -24.72 -21.14 7.71
N PRO C 211 -25.62 -22.01 7.29
CA PRO C 211 -25.96 -21.95 5.90
C PRO C 211 -27.09 -20.98 5.78
N GLN C 212 -26.73 -19.88 5.16
CA GLN C 212 -27.60 -18.78 4.98
C GLN C 212 -27.40 -18.14 3.62
N SER C 213 -28.49 -17.85 2.98
CA SER C 213 -28.49 -17.19 1.68
C SER C 213 -27.77 -15.86 1.69
N ILE C 214 -26.76 -15.70 0.84
CA ILE C 214 -26.07 -14.43 0.69
C ILE C 214 -27.04 -13.28 0.40
N LEU C 215 -28.31 -13.62 0.17
CA LEU C 215 -29.35 -12.61 -0.03
C LEU C 215 -29.67 -11.86 1.26
N LYS C 216 -30.05 -10.59 1.11
CA LYS C 216 -30.22 -9.69 2.25
C LYS C 216 -31.63 -9.11 2.31
N ASP C 217 -32.10 -8.96 3.53
CA ASP C 217 -33.37 -8.30 3.86
C ASP C 217 -33.09 -6.82 3.94
N ASP C 218 -34.07 -6.04 4.35
CA ASP C 218 -33.93 -4.59 4.27
C ASP C 218 -33.08 -3.96 5.39
N ASN C 219 -32.65 -4.78 6.34
CA ASN C 219 -31.65 -4.33 7.31
C ASN C 219 -30.26 -4.63 6.80
N ASP C 220 -30.18 -4.96 5.52
CA ASP C 220 -28.92 -5.32 4.90
C ASP C 220 -28.18 -6.40 5.68
N LYS C 221 -28.88 -7.48 6.01
CA LYS C 221 -28.23 -8.65 6.60
C LYS C 221 -28.82 -9.97 6.09
N LYS C 222 -27.95 -10.99 6.01
CA LYS C 222 -28.30 -12.24 5.34
C LYS C 222 -29.61 -12.86 5.81
N ILE C 223 -30.17 -13.74 4.99
CA ILE C 223 -31.47 -14.37 5.29
C ILE C 223 -31.34 -15.81 5.77
N ASN C 224 -31.96 -16.10 6.91
CA ASN C 224 -31.95 -17.47 7.43
C ASN C 224 -33.02 -18.34 6.79
N TYR C 225 -32.57 -19.47 6.25
CA TYR C 225 -33.44 -20.32 5.45
C TYR C 225 -34.72 -20.76 6.18
N TYR C 226 -34.59 -21.24 7.41
CA TYR C 226 -35.77 -21.64 8.19
C TYR C 226 -36.65 -20.44 8.57
N ASP C 227 -36.05 -19.50 9.31
CA ASP C 227 -36.74 -18.29 9.74
C ASP C 227 -37.56 -17.74 8.59
N PHE C 228 -36.88 -17.48 7.49
CA PHE C 228 -37.55 -16.85 6.36
C PHE C 228 -38.68 -17.71 5.81
N LEU C 229 -38.32 -18.92 5.41
CA LEU C 229 -39.20 -19.79 4.63
C LEU C 229 -40.49 -20.10 5.36
N THR C 230 -40.43 -20.04 6.68
CA THR C 230 -41.55 -20.42 7.51
C THR C 230 -42.54 -19.26 7.74
N GLN C 231 -42.02 -18.03 7.75
CA GLN C 231 -42.76 -16.86 8.21
C GLN C 231 -43.24 -15.94 7.07
N THR C 232 -42.84 -16.24 5.85
CA THR C 232 -43.13 -15.37 4.72
C THR C 232 -44.54 -15.57 4.18
N ASN C 233 -45.18 -14.46 3.79
CA ASN C 233 -46.48 -14.49 3.12
C ASN C 233 -46.35 -14.10 1.66
N ASN C 234 -45.30 -14.58 1.00
CA ASN C 234 -45.08 -14.29 -0.42
C ASN C 234 -45.87 -15.24 -1.31
N LYS C 235 -46.86 -14.69 -2.01
CA LYS C 235 -47.73 -15.51 -2.85
C LYS C 235 -46.94 -16.34 -3.85
N ASP C 236 -45.83 -15.80 -4.33
CA ASP C 236 -45.02 -16.46 -5.36
C ASP C 236 -44.02 -17.49 -4.79
N CYS C 237 -43.42 -17.18 -3.65
CA CYS C 237 -42.46 -18.08 -3.01
C CYS C 237 -43.10 -19.41 -2.64
N LEU C 238 -44.06 -19.36 -1.73
CA LEU C 238 -44.72 -20.54 -1.23
C LEU C 238 -45.25 -21.30 -2.43
N ASP C 239 -45.85 -20.55 -3.34
CA ASP C 239 -46.33 -21.10 -4.60
C ASP C 239 -45.27 -21.99 -5.26
N ALA C 240 -43.99 -21.65 -5.06
CA ALA C 240 -42.90 -22.43 -5.59
C ALA C 240 -42.64 -23.64 -4.72
N LEU C 241 -42.63 -23.43 -3.40
CA LEU C 241 -42.46 -24.51 -2.43
C LEU C 241 -43.45 -25.62 -2.72
N LEU C 242 -44.70 -25.23 -2.97
CA LEU C 242 -45.77 -26.14 -3.35
C LEU C 242 -45.33 -26.96 -4.55
N ARG C 243 -44.84 -26.27 -5.56
CA ARG C 243 -44.49 -26.88 -6.84
C ARG C 243 -43.34 -27.87 -6.73
N ILE C 244 -42.45 -27.67 -5.77
CA ILE C 244 -41.26 -28.53 -5.69
C ILE C 244 -41.52 -29.80 -4.89
N TYR C 245 -42.12 -29.67 -3.71
CA TYR C 245 -42.30 -30.78 -2.77
C TYR C 245 -42.60 -32.17 -3.38
N PRO C 246 -43.65 -32.27 -4.22
CA PRO C 246 -43.96 -33.55 -4.87
C PRO C 246 -42.90 -34.06 -5.87
N ARG C 247 -41.73 -33.43 -5.92
CA ARG C 247 -40.65 -33.88 -6.80
C ARG C 247 -39.39 -34.17 -6.00
N ILE C 248 -39.46 -33.81 -4.73
CA ILE C 248 -38.40 -34.05 -3.76
C ILE C 248 -38.24 -35.53 -3.46
N ASP C 249 -37.84 -36.30 -4.46
CA ASP C 249 -37.73 -37.74 -4.29
C ASP C 249 -36.48 -38.15 -3.48
N MET C 250 -36.70 -38.51 -2.23
CA MET C 250 -35.62 -38.77 -1.29
C MET C 250 -34.78 -40.00 -1.57
N ASN C 251 -35.42 -41.04 -2.12
CA ASN C 251 -34.69 -42.27 -2.41
C ASN C 251 -33.75 -42.05 -3.58
N LYS C 252 -34.21 -41.29 -4.57
CA LYS C 252 -33.37 -40.96 -5.71
C LYS C 252 -32.22 -40.08 -5.28
N ILE C 253 -32.47 -39.26 -4.26
CA ILE C 253 -31.46 -38.35 -3.73
C ILE C 253 -30.40 -39.08 -2.92
N HIS C 254 -30.84 -39.87 -1.94
CA HIS C 254 -29.89 -40.65 -1.16
C HIS C 254 -29.11 -41.54 -2.11
N SER C 255 -29.78 -41.96 -3.17
CA SER C 255 -29.17 -42.76 -4.21
C SER C 255 -28.02 -42.03 -4.91
N ILE C 256 -28.26 -40.78 -5.31
CA ILE C 256 -27.26 -39.93 -5.97
C ILE C 256 -26.00 -39.81 -5.14
N ILE C 257 -26.18 -39.64 -3.84
CA ILE C 257 -25.08 -39.63 -2.90
C ILE C 257 -24.31 -40.94 -2.98
N ASP C 258 -25.00 -42.03 -2.65
CA ASP C 258 -24.40 -43.36 -2.70
C ASP C 258 -23.46 -43.53 -3.90
N ASN C 259 -24.00 -43.38 -5.10
CA ASN C 259 -23.23 -43.58 -6.33
C ASN C 259 -22.33 -42.43 -6.72
N THR C 260 -22.02 -41.59 -5.74
CA THR C 260 -21.16 -40.46 -6.01
C THR C 260 -19.71 -40.94 -5.99
N PRO C 261 -19.01 -40.70 -7.08
CA PRO C 261 -17.65 -41.18 -7.25
C PRO C 261 -16.67 -40.54 -6.32
N PHE C 262 -15.69 -41.31 -5.89
CA PHE C 262 -14.53 -40.78 -5.19
C PHE C 262 -14.86 -40.38 -3.80
N MET C 263 -16.01 -40.78 -3.30
CA MET C 263 -16.51 -40.15 -2.11
C MET C 263 -16.37 -40.93 -0.83
N SER C 264 -15.82 -40.28 0.17
CA SER C 264 -15.49 -40.90 1.41
C SER C 264 -16.74 -41.49 1.94
N GLU C 265 -16.63 -42.64 2.54
CA GLU C 265 -17.85 -43.24 3.06
C GLU C 265 -18.40 -42.45 4.23
N ILE C 266 -17.52 -41.80 4.98
CA ILE C 266 -17.96 -40.99 6.11
C ILE C 266 -18.66 -39.74 5.62
N HIS C 267 -18.12 -39.16 4.55
CA HIS C 267 -18.76 -38.03 3.91
C HIS C 267 -20.12 -38.46 3.36
N LYS C 268 -20.15 -39.62 2.71
CA LYS C 268 -21.39 -40.13 2.13
C LYS C 268 -22.54 -40.23 3.13
N GLU C 269 -22.24 -40.67 4.36
CA GLU C 269 -23.30 -40.76 5.37
C GLU C 269 -23.47 -39.44 6.12
N PHE C 270 -22.45 -38.60 6.06
CA PHE C 270 -22.54 -37.24 6.58
C PHE C 270 -23.59 -36.45 5.80
N LEU C 271 -23.79 -36.86 4.55
CA LEU C 271 -24.75 -36.18 3.67
C LEU C 271 -26.15 -36.76 3.76
N HIS C 272 -26.29 -38.08 3.68
CA HIS C 272 -27.60 -38.69 3.86
C HIS C 272 -28.15 -38.10 5.15
N THR C 273 -27.24 -37.91 6.12
CA THR C 273 -27.60 -37.29 7.38
C THR C 273 -28.11 -35.89 7.14
N MET C 274 -27.19 -35.03 6.71
CA MET C 274 -27.49 -33.62 6.60
C MET C 274 -28.72 -33.30 5.76
N LEU C 275 -29.06 -34.19 4.83
CA LEU C 275 -30.15 -33.92 3.91
C LEU C 275 -31.52 -34.30 4.47
N ASP C 276 -31.58 -35.45 5.14
CA ASP C 276 -32.81 -35.85 5.82
C ASP C 276 -33.10 -34.83 6.92
N GLU C 277 -32.03 -34.45 7.62
CA GLU C 277 -32.08 -33.36 8.58
C GLU C 277 -32.86 -32.19 8.00
N ARG C 278 -32.39 -31.71 6.84
CA ARG C 278 -32.94 -30.52 6.19
C ARG C 278 -34.31 -30.76 5.54
N LYS C 279 -34.53 -31.99 5.10
CA LYS C 279 -35.81 -32.37 4.49
C LYS C 279 -36.94 -32.26 5.50
N SER C 280 -36.76 -32.92 6.65
CA SER C 280 -37.80 -32.95 7.67
C SER C 280 -37.83 -31.65 8.47
N LYS C 281 -36.66 -31.09 8.76
CA LYS C 281 -36.55 -29.93 9.65
C LYS C 281 -36.82 -28.57 8.99
N ILE C 282 -36.58 -28.46 7.69
CA ILE C 282 -36.86 -27.21 7.00
C ILE C 282 -37.96 -27.35 5.96
N ILE C 283 -37.74 -28.24 4.98
CA ILE C 283 -38.67 -28.37 3.86
C ILE C 283 -40.05 -28.89 4.26
N ASP C 284 -40.09 -29.84 5.18
CA ASP C 284 -41.34 -30.31 5.73
C ASP C 284 -42.06 -29.18 6.47
N VAL C 285 -41.38 -28.59 7.46
CA VAL C 285 -41.99 -27.59 8.32
C VAL C 285 -42.69 -26.49 7.53
N ALA C 286 -42.08 -26.10 6.41
CA ALA C 286 -42.58 -24.98 5.62
C ALA C 286 -43.74 -25.41 4.72
N HIS C 287 -43.63 -26.61 4.15
CA HIS C 287 -44.67 -27.13 3.25
C HIS C 287 -45.99 -27.41 3.98
N THR C 288 -45.91 -28.05 5.13
CA THR C 288 -47.11 -28.29 5.92
C THR C 288 -47.83 -26.96 6.05
N ARG C 289 -47.11 -25.96 6.54
CA ARG C 289 -47.63 -24.60 6.65
C ARG C 289 -48.09 -24.05 5.29
N ALA C 290 -47.50 -24.57 4.23
CA ALA C 290 -47.85 -24.13 2.88
C ALA C 290 -49.29 -24.48 2.55
N ILE C 291 -49.60 -25.77 2.65
CA ILE C 291 -50.96 -26.26 2.41
C ILE C 291 -51.90 -25.50 3.34
N GLU C 292 -51.47 -25.41 4.60
CA GLU C 292 -52.20 -24.71 5.66
C GLU C 292 -52.89 -23.43 5.17
N LEU C 293 -52.20 -22.66 4.34
CA LEU C 293 -52.71 -21.34 3.93
C LEU C 293 -53.71 -21.34 2.77
N SER C 294 -54.09 -22.52 2.30
CA SER C 294 -55.30 -22.65 1.49
C SER C 294 -56.45 -23.00 2.43
N LEU C 295 -57.65 -22.42 2.25
CA LEU C 295 -57.96 -21.42 1.22
C LEU C 295 -56.98 -20.24 1.19
N PRO D 2 -22.84 22.97 -27.28
CA PRO D 2 -23.57 22.74 -26.03
C PRO D 2 -23.36 21.30 -25.60
N THR D 3 -23.65 20.97 -24.34
CA THR D 3 -23.46 19.61 -23.87
C THR D 3 -24.46 18.65 -24.51
N ILE D 4 -24.48 17.42 -24.02
CA ILE D 4 -25.42 16.42 -24.49
C ILE D 4 -26.38 16.04 -23.37
N ASP D 5 -27.65 15.94 -23.71
CA ASP D 5 -28.66 15.45 -22.78
C ASP D 5 -29.17 14.11 -23.33
N PHE D 6 -28.77 13.03 -22.66
CA PHE D 6 -29.13 11.70 -23.15
C PHE D 6 -30.48 11.30 -22.62
N THR D 7 -31.02 12.14 -21.74
CA THR D 7 -32.23 11.83 -20.97
C THR D 7 -33.30 11.15 -21.80
N PHE D 8 -33.54 11.69 -22.99
CA PHE D 8 -34.62 11.19 -23.83
C PHE D 8 -34.20 10.20 -24.93
N CYS D 9 -32.92 9.88 -25.05
CA CYS D 9 -32.52 8.89 -26.05
C CYS D 9 -33.21 7.54 -25.76
N GLU D 10 -33.29 6.68 -26.78
CA GLU D 10 -34.04 5.42 -26.64
C GLU D 10 -33.28 4.32 -25.88
N ILE D 11 -33.82 3.85 -24.76
CA ILE D 11 -33.06 2.82 -24.07
C ILE D 11 -33.24 1.44 -24.68
N ASN D 12 -32.16 0.68 -24.67
CA ASN D 12 -32.18 -0.71 -25.08
C ASN D 12 -32.24 -1.61 -23.85
N PRO D 13 -33.40 -2.22 -23.64
CA PRO D 13 -33.77 -3.01 -22.45
C PRO D 13 -33.26 -4.45 -22.53
N LYS D 14 -32.86 -4.87 -23.74
CA LYS D 14 -32.45 -6.25 -23.99
C LYS D 14 -30.95 -6.45 -23.84
N LYS D 15 -30.29 -5.50 -23.19
CA LYS D 15 -28.83 -5.51 -23.06
C LYS D 15 -28.36 -4.95 -21.70
N GLY D 16 -27.35 -5.61 -21.14
CA GLY D 16 -26.84 -5.26 -19.81
C GLY D 16 -25.32 -5.24 -19.74
N PHE D 17 -24.77 -5.04 -18.54
CA PHE D 17 -23.32 -4.92 -18.40
C PHE D 17 -22.82 -5.37 -17.03
N GLY D 18 -21.61 -5.95 -17.02
CA GLY D 18 -20.97 -6.31 -15.77
C GLY D 18 -20.60 -5.07 -14.96
N GLY D 19 -19.79 -5.26 -13.93
CA GLY D 19 -19.22 -4.13 -13.22
C GLY D 19 -19.64 -3.96 -11.78
N ALA D 20 -18.69 -3.51 -10.98
CA ALA D 20 -18.91 -3.28 -9.56
C ALA D 20 -19.08 -1.77 -9.30
N ASN D 21 -18.46 -0.96 -10.16
CA ASN D 21 -18.45 0.49 -10.04
C ASN D 21 -19.57 1.16 -10.83
N GLY D 22 -20.79 1.05 -10.32
CA GLY D 22 -21.86 1.84 -10.87
C GLY D 22 -22.75 1.01 -11.75
N ASN D 23 -23.95 1.53 -12.00
CA ASN D 23 -24.88 0.88 -12.90
C ASN D 23 -24.59 1.34 -14.32
N LYS D 24 -24.99 0.54 -15.30
CA LYS D 24 -24.89 0.96 -16.70
C LYS D 24 -26.15 0.56 -17.40
N ILE D 25 -26.44 1.22 -18.51
CA ILE D 25 -27.56 0.81 -19.36
C ILE D 25 -27.17 0.95 -20.83
N SER D 26 -27.77 0.11 -21.68
CA SER D 26 -27.60 0.29 -23.10
C SER D 26 -28.56 1.37 -23.55
N LEU D 27 -28.07 2.39 -24.24
CA LEU D 27 -28.97 3.34 -24.88
C LEU D 27 -28.51 3.78 -26.27
N PHE D 28 -29.44 4.28 -27.08
CA PHE D 28 -29.16 4.72 -28.45
C PHE D 28 -28.81 6.20 -28.50
N TYR D 29 -27.66 6.49 -29.10
CA TYR D 29 -27.30 7.86 -29.41
C TYR D 29 -27.02 7.94 -30.91
N ASN D 30 -27.75 8.80 -31.57
CA ASN D 30 -27.64 8.98 -32.99
C ASN D 30 -27.73 7.66 -33.71
N ASN D 31 -28.66 6.84 -33.22
CA ASN D 31 -28.95 5.51 -33.74
C ASN D 31 -27.86 4.48 -33.49
N GLU D 32 -26.92 4.80 -32.61
CA GLU D 32 -25.86 3.86 -32.25
C GLU D 32 -25.91 3.48 -30.77
N LEU D 33 -25.51 2.26 -30.48
CA LEU D 33 -25.52 1.72 -29.12
C LEU D 33 -24.42 2.25 -28.21
N TYR D 34 -24.79 2.61 -26.99
CA TYR D 34 -23.80 3.01 -25.98
C TYR D 34 -23.96 2.24 -24.66
N MET D 35 -22.84 1.96 -23.99
CA MET D 35 -22.86 1.63 -22.56
C MET D 35 -22.69 2.94 -21.81
N VAL D 36 -23.74 3.35 -21.12
CA VAL D 36 -23.70 4.60 -20.38
C VAL D 36 -23.47 4.23 -18.95
N LYS D 37 -22.32 4.61 -18.44
CA LYS D 37 -21.85 4.28 -17.14
C LYS D 37 -22.26 5.28 -16.13
N PHE D 38 -23.11 4.85 -15.21
CA PHE D 38 -23.44 5.56 -14.01
C PHE D 38 -22.42 5.60 -12.89
N PRO D 39 -22.55 6.60 -12.04
CA PRO D 39 -21.65 6.82 -10.94
C PRO D 39 -22.32 6.46 -9.65
N PRO D 40 -21.61 5.72 -8.84
CA PRO D 40 -22.11 5.34 -7.53
C PRO D 40 -22.33 6.52 -6.62
N LYS D 41 -23.42 6.52 -5.85
CA LYS D 41 -23.72 7.55 -4.85
C LYS D 41 -22.76 7.70 -3.65
N PRO D 42 -22.29 6.58 -3.15
CA PRO D 42 -21.39 6.60 -1.99
C PRO D 42 -21.38 7.96 -1.30
N ASN D 52 -17.30 11.67 -10.82
CA ASN D 52 -15.90 12.08 -10.92
C ASN D 52 -15.04 10.93 -11.45
N GLY D 53 -15.63 9.73 -11.39
CA GLY D 53 -15.05 8.55 -11.99
C GLY D 53 -15.40 8.58 -13.45
N CYS D 54 -16.57 9.18 -13.73
CA CYS D 54 -17.02 9.38 -15.10
C CYS D 54 -16.10 10.35 -15.84
N PHE D 55 -15.58 11.35 -15.12
CA PHE D 55 -14.67 12.31 -15.73
C PHE D 55 -13.32 11.68 -16.02
N SER D 56 -12.87 10.77 -15.18
CA SER D 56 -11.61 10.10 -15.46
C SER D 56 -11.72 9.35 -16.77
N GLU D 57 -12.79 8.58 -16.90
CA GLU D 57 -13.02 7.71 -18.04
C GLU D 57 -12.89 8.44 -19.37
N TYR D 58 -13.73 9.46 -19.53
CA TYR D 58 -13.76 10.27 -20.73
C TYR D 58 -12.37 10.80 -21.05
N VAL D 59 -11.80 11.60 -20.15
CA VAL D 59 -10.46 12.15 -20.32
C VAL D 59 -9.39 11.06 -20.51
N ALA D 60 -9.38 10.06 -19.63
CA ALA D 60 -8.41 8.96 -19.75
C ALA D 60 -8.43 8.34 -21.15
N CYS D 61 -9.62 8.01 -21.67
CA CYS D 61 -9.73 7.34 -22.98
C CYS D 61 -9.35 8.22 -24.15
N HIS D 62 -9.75 9.48 -24.07
CA HIS D 62 -9.43 10.42 -25.12
C HIS D 62 -7.93 10.51 -25.24
N ILE D 63 -7.23 10.58 -24.10
CA ILE D 63 -5.75 10.60 -24.09
C ILE D 63 -5.14 9.28 -24.59
N VAL D 64 -5.71 8.16 -24.19
CA VAL D 64 -5.33 6.88 -24.76
C VAL D 64 -5.46 6.94 -26.29
N ASN D 65 -6.45 7.66 -26.77
CA ASN D 65 -6.61 7.76 -28.21
C ASN D 65 -5.56 8.65 -28.86
N SER D 66 -5.24 9.77 -28.20
CA SER D 66 -4.24 10.69 -28.72
C SER D 66 -2.90 9.99 -28.76
N LEU D 67 -2.79 8.94 -27.95
CA LEU D 67 -1.60 8.10 -27.90
C LEU D 67 -1.51 7.15 -29.09
N GLY D 68 -2.57 7.12 -29.91
CA GLY D 68 -2.66 6.20 -31.03
C GLY D 68 -3.12 4.79 -30.66
N LEU D 69 -3.67 4.62 -29.46
CA LEU D 69 -4.14 3.30 -29.04
C LEU D 69 -5.65 3.07 -29.24
N LYS D 70 -5.99 1.79 -29.39
CA LYS D 70 -7.37 1.39 -29.63
C LYS D 70 -8.14 1.53 -28.33
N VAL D 71 -8.83 2.65 -28.17
CA VAL D 71 -9.58 2.88 -26.94
C VAL D 71 -11.03 3.05 -27.28
N GLN D 72 -11.93 2.75 -26.33
CA GLN D 72 -13.34 2.94 -26.56
C GLN D 72 -13.62 4.43 -26.78
N GLU D 73 -14.62 4.71 -27.63
CA GLU D 73 -15.10 6.07 -27.85
C GLU D 73 -15.89 6.52 -26.62
N THR D 74 -15.73 7.76 -26.16
CA THR D 74 -16.51 8.18 -25.00
C THR D 74 -17.10 9.56 -25.22
N LEU D 75 -18.15 9.86 -24.48
CA LEU D 75 -18.77 11.17 -24.56
C LEU D 75 -19.26 11.53 -23.17
N LEU D 76 -19.37 12.82 -22.90
CA LEU D 76 -19.81 13.28 -21.60
C LEU D 76 -21.11 14.04 -21.77
N GLY D 77 -22.18 13.48 -21.21
CA GLY D 77 -23.48 14.10 -21.24
C GLY D 77 -24.15 14.14 -19.88
N THR D 78 -25.43 14.48 -19.87
CA THR D 78 -26.18 14.33 -18.65
C THR D 78 -27.32 13.36 -18.92
N TYR D 79 -27.91 12.83 -17.86
CA TYR D 79 -29.04 11.94 -18.01
C TYR D 79 -29.92 11.99 -16.78
N LYS D 80 -31.09 12.62 -16.92
CA LYS D 80 -31.97 12.84 -15.78
C LYS D 80 -31.16 13.34 -14.58
N ASN D 81 -30.40 14.39 -14.72
CA ASN D 81 -29.81 15.06 -13.60
C ASN D 81 -28.56 14.47 -13.00
N LYS D 82 -28.23 13.24 -13.34
CA LYS D 82 -26.89 12.71 -13.06
C LYS D 82 -25.94 13.00 -14.24
N ILE D 83 -24.70 13.35 -13.94
CA ILE D 83 -23.71 13.46 -15.01
C ILE D 83 -23.24 12.05 -15.33
N VAL D 84 -23.09 11.77 -16.62
CA VAL D 84 -22.98 10.38 -17.05
C VAL D 84 -21.93 10.27 -18.16
N VAL D 85 -21.18 9.17 -18.22
CA VAL D 85 -20.18 8.96 -19.30
C VAL D 85 -20.58 7.86 -20.29
N ALA D 86 -20.75 8.19 -21.57
CA ALA D 86 -21.22 7.18 -22.52
C ALA D 86 -20.07 6.61 -23.34
N CYS D 87 -20.05 5.29 -23.46
CA CYS D 87 -18.95 4.61 -24.15
C CYS D 87 -19.54 3.83 -25.30
N LYS D 88 -19.06 4.12 -26.50
CA LYS D 88 -19.55 3.44 -27.68
C LYS D 88 -19.49 1.94 -27.45
N ASP D 89 -20.64 1.29 -27.60
CA ASP D 89 -20.76 -0.15 -27.43
C ASP D 89 -20.09 -0.84 -28.60
N PHE D 90 -19.05 -1.61 -28.30
CA PHE D 90 -18.30 -2.29 -29.35
C PHE D 90 -18.57 -3.81 -29.42
N THR D 91 -19.58 -4.26 -28.67
CA THR D 91 -20.15 -5.60 -28.80
C THR D 91 -21.64 -5.41 -29.07
N THR D 92 -22.22 -6.20 -29.97
CA THR D 92 -23.66 -6.09 -30.25
C THR D 92 -24.33 -7.46 -30.48
N TYR D 95 -20.96 -9.26 -31.52
CA TYR D 95 -19.82 -9.88 -30.85
C TYR D 95 -20.05 -10.23 -29.36
N GLU D 96 -19.08 -10.95 -28.79
CA GLU D 96 -19.08 -11.31 -27.38
C GLU D 96 -17.74 -10.96 -26.75
N LEU D 97 -17.76 -10.23 -25.63
CA LEU D 97 -16.53 -9.76 -24.98
C LEU D 97 -15.97 -10.74 -23.96
N VAL D 98 -14.80 -11.31 -24.23
CA VAL D 98 -14.14 -12.21 -23.27
C VAL D 98 -12.90 -11.59 -22.65
N ASP D 99 -12.97 -11.28 -21.36
CA ASP D 99 -11.87 -10.61 -20.65
C ASP D 99 -10.63 -11.49 -20.49
N PHE D 100 -9.52 -10.88 -20.12
CA PHE D 100 -8.30 -11.65 -19.97
C PHE D 100 -8.42 -12.63 -18.82
N LEU D 101 -9.10 -12.20 -17.76
CA LEU D 101 -9.33 -13.04 -16.61
C LEU D 101 -9.78 -14.45 -17.00
N SER D 102 -10.83 -14.52 -17.81
CA SER D 102 -11.42 -15.79 -18.23
C SER D 102 -10.40 -16.63 -18.97
N LEU D 103 -9.57 -15.95 -19.74
CA LEU D 103 -8.50 -16.62 -20.42
C LEU D 103 -7.49 -17.11 -19.39
N LYS D 104 -7.02 -16.21 -18.54
CA LYS D 104 -5.99 -16.60 -17.59
C LYS D 104 -6.46 -17.81 -16.82
N ASN D 105 -7.75 -17.84 -16.53
CA ASN D 105 -8.31 -18.96 -15.81
C ASN D 105 -8.01 -20.34 -16.43
N THR D 106 -7.61 -20.37 -17.70
CA THR D 106 -7.39 -21.65 -18.38
C THR D 106 -5.95 -22.11 -18.29
N MET D 107 -5.08 -21.24 -17.83
CA MET D 107 -3.70 -21.61 -17.59
C MET D 107 -3.65 -22.31 -16.24
N ILE D 108 -4.14 -23.55 -16.22
CA ILE D 108 -4.16 -24.37 -15.00
C ILE D 108 -2.76 -24.89 -14.73
N GLU D 109 -1.87 -24.55 -15.63
CA GLU D 109 -0.49 -24.86 -15.43
C GLU D 109 -0.01 -24.08 -14.23
N LEU D 110 -0.29 -22.78 -14.18
CA LEU D 110 0.02 -22.02 -12.98
C LEU D 110 -1.03 -22.49 -12.05
N GLU D 111 -0.70 -22.57 -10.79
CA GLU D 111 -1.65 -23.14 -9.89
C GLU D 111 -2.48 -22.08 -9.22
N LYS D 112 -2.35 -20.86 -9.72
CA LYS D 112 -3.12 -19.72 -9.27
C LYS D 112 -4.32 -19.27 -10.12
N SER D 113 -5.46 -19.04 -9.47
CA SER D 113 -6.69 -18.64 -10.15
C SER D 113 -6.39 -17.48 -11.09
N GLY D 114 -7.21 -17.33 -12.13
CA GLY D 114 -7.01 -16.30 -13.14
C GLY D 114 -7.46 -14.89 -12.75
N LYS D 115 -8.02 -14.73 -11.56
CA LYS D 115 -8.29 -13.38 -11.03
C LYS D 115 -6.98 -12.66 -10.65
N ASP D 116 -6.00 -13.47 -10.29
CA ASP D 116 -4.71 -12.99 -9.82
C ASP D 116 -3.98 -12.11 -10.82
N THR D 117 -3.24 -11.13 -10.31
CA THR D 117 -2.55 -10.16 -11.16
C THR D 117 -1.01 -10.20 -11.07
N ASN D 118 -0.44 -11.35 -10.70
CA ASN D 118 1.02 -11.47 -10.67
C ASN D 118 1.64 -11.22 -12.05
N LEU D 119 2.28 -10.07 -12.20
CA LEU D 119 2.85 -9.70 -13.50
C LEU D 119 3.37 -10.89 -14.30
N ASN D 120 4.24 -11.69 -13.70
CA ASN D 120 4.94 -12.73 -14.44
C ASN D 120 4.03 -13.83 -14.95
N ASP D 121 3.16 -14.32 -14.08
CA ASP D 121 2.08 -15.19 -14.54
C ASP D 121 1.41 -14.62 -15.80
N VAL D 122 0.88 -13.40 -15.69
CA VAL D 122 0.19 -12.74 -16.78
C VAL D 122 0.95 -12.85 -18.09
N LEU D 123 2.25 -12.60 -18.04
CA LEU D 123 3.07 -12.68 -19.24
C LEU D 123 3.10 -14.11 -19.74
N TYR D 124 3.26 -15.04 -18.80
CA TYR D 124 3.26 -16.44 -19.17
C TYR D 124 1.98 -16.74 -19.94
N ALA D 125 0.85 -16.41 -19.33
CA ALA D 125 -0.45 -16.66 -19.95
C ALA D 125 -0.57 -16.03 -21.35
N ILE D 126 0.13 -14.93 -21.59
CA ILE D 126 0.10 -14.28 -22.89
C ILE D 126 0.84 -15.13 -23.94
N ASP D 127 1.98 -15.68 -23.55
CA ASP D 127 2.78 -16.44 -24.48
C ASP D 127 2.16 -17.81 -24.74
N ASN D 128 1.38 -18.30 -23.78
CA ASN D 128 0.77 -19.62 -23.88
C ASN D 128 -0.72 -19.62 -24.18
N GLN D 129 -1.27 -18.49 -24.62
CA GLN D 129 -2.68 -18.48 -24.99
C GLN D 129 -2.80 -18.75 -26.48
N HIS D 130 -4.03 -18.98 -26.93
CA HIS D 130 -4.25 -19.36 -28.32
C HIS D 130 -5.45 -18.66 -28.93
N PHE D 131 -5.90 -17.59 -28.27
CA PHE D 131 -6.89 -16.73 -28.90
C PHE D 131 -6.18 -15.89 -29.93
N ILE D 132 -5.04 -15.35 -29.54
CA ILE D 132 -4.36 -14.34 -30.34
C ILE D 132 -2.87 -14.65 -30.45
N GLU D 133 -2.32 -14.18 -31.54
CA GLU D 133 -0.94 -14.33 -31.74
C GLU D 133 -0.32 -13.68 -30.54
N PRO D 134 0.44 -14.47 -29.83
CA PRO D 134 1.19 -14.07 -28.63
C PRO D 134 2.03 -12.82 -28.79
N LYS D 135 2.81 -12.75 -29.86
CA LYS D 135 3.60 -11.56 -30.12
C LYS D 135 2.68 -10.33 -30.21
N VAL D 136 1.60 -10.45 -30.98
CA VAL D 136 0.63 -9.36 -31.09
C VAL D 136 0.10 -8.97 -29.73
N LEU D 137 -0.37 -9.96 -28.98
CA LEU D 137 -1.07 -9.70 -27.74
C LEU D 137 -0.11 -9.02 -26.80
N LYS D 138 1.07 -9.63 -26.61
CA LYS D 138 2.12 -9.04 -25.79
C LYS D 138 2.39 -7.55 -26.09
N CYS D 139 2.55 -7.20 -27.36
CA CYS D 139 2.79 -5.83 -27.75
C CYS D 139 1.67 -4.91 -27.26
N PHE D 140 0.41 -5.37 -27.38
CA PHE D 140 -0.74 -4.58 -26.99
C PHE D 140 -0.75 -4.28 -25.48
N PHE D 141 -0.33 -5.28 -24.72
CA PHE D 141 -0.29 -5.21 -23.29
C PHE D 141 0.65 -4.10 -22.79
N TRP D 142 1.89 -4.15 -23.25
CA TRP D 142 2.87 -3.14 -22.86
C TRP D 142 2.51 -1.73 -23.34
N ASP D 143 1.92 -1.66 -24.53
CA ASP D 143 1.43 -0.39 -25.04
C ASP D 143 0.43 0.14 -24.02
N MET D 144 -0.37 -0.76 -23.48
CA MET D 144 -1.41 -0.36 -22.53
C MET D 144 -0.83 0.09 -21.20
N PHE D 145 0.03 -0.75 -20.61
CA PHE D 145 0.79 -0.43 -19.41
C PHE D 145 1.37 0.97 -19.46
N VAL D 146 2.08 1.28 -20.54
CA VAL D 146 2.63 2.61 -20.67
C VAL D 146 1.53 3.66 -20.61
N ALA D 147 0.44 3.43 -21.34
CA ALA D 147 -0.71 4.33 -21.29
C ALA D 147 -1.16 4.40 -19.83
N ASP D 148 -1.18 3.25 -19.19
CA ASP D 148 -1.47 3.20 -17.77
C ASP D 148 -0.41 3.94 -16.93
N THR D 149 0.85 3.90 -17.31
CA THR D 149 1.83 4.66 -16.53
C THR D 149 1.49 6.11 -16.62
N LEU D 150 1.39 6.61 -17.85
CA LEU D 150 1.15 8.03 -18.02
C LEU D 150 -0.14 8.46 -17.34
N LEU D 151 -1.13 7.57 -17.27
CA LEU D 151 -2.42 7.95 -16.67
C LEU D 151 -2.58 7.69 -15.17
N GLY D 152 -1.70 6.91 -14.58
CA GLY D 152 -1.88 6.47 -13.22
C GLY D 152 -3.14 5.64 -13.08
N ASN D 153 -3.28 4.62 -13.91
CA ASN D 153 -4.39 3.68 -13.79
C ASN D 153 -4.07 2.70 -12.70
N PHE D 154 -4.93 2.62 -11.70
CA PHE D 154 -4.64 1.80 -10.53
C PHE D 154 -5.52 0.57 -10.47
N ASP D 155 -6.16 0.27 -11.61
CA ASP D 155 -7.10 -0.85 -11.66
C ASP D 155 -7.13 -1.60 -12.98
N ARG D 156 -5.97 -1.78 -13.60
CA ARG D 156 -5.90 -2.64 -14.79
C ARG D 156 -5.86 -4.14 -14.40
N HIS D 157 -6.91 -4.62 -13.76
CA HIS D 157 -6.99 -6.02 -13.41
C HIS D 157 -7.35 -6.83 -14.66
N ASN D 158 -7.47 -8.15 -14.51
CA ASN D 158 -7.65 -9.01 -15.68
C ASN D 158 -9.03 -8.89 -16.32
N GLY D 159 -9.92 -8.20 -15.62
CA GLY D 159 -11.25 -7.91 -16.11
C GLY D 159 -11.30 -6.60 -16.89
N ASN D 160 -10.21 -5.85 -16.83
CA ASN D 160 -10.16 -4.55 -17.51
C ASN D 160 -9.56 -4.57 -18.93
N TRP D 161 -9.38 -5.77 -19.49
CA TRP D 161 -9.03 -5.92 -20.89
C TRP D 161 -9.34 -7.34 -21.36
N GLY D 162 -9.48 -7.51 -22.67
CA GLY D 162 -9.91 -8.78 -23.25
C GLY D 162 -9.99 -8.88 -24.78
N PHE D 163 -10.87 -9.75 -25.24
CA PHE D 163 -10.99 -9.99 -26.67
C PHE D 163 -12.43 -10.03 -27.17
N LEU D 164 -12.59 -9.72 -28.46
CA LEU D 164 -13.89 -9.80 -29.14
C LEU D 164 -13.97 -11.10 -29.94
N ARG D 165 -14.87 -12.01 -29.59
CA ARG D 165 -15.12 -13.17 -30.47
C ARG D 165 -16.41 -12.99 -31.27
N ALA D 166 -16.41 -13.46 -32.51
CA ALA D 166 -17.58 -13.36 -33.37
C ALA D 166 -18.31 -14.69 -33.48
N GLU D 171 -10.64 -16.51 -35.05
CA GLU D 171 -11.89 -16.01 -34.49
C GLU D 171 -11.67 -14.76 -33.62
N TYR D 172 -10.81 -14.88 -32.61
CA TYR D 172 -10.62 -13.78 -31.67
C TYR D 172 -9.87 -12.57 -32.17
N GLN D 173 -10.06 -11.48 -31.43
CA GLN D 173 -9.28 -10.28 -31.63
C GLN D 173 -9.26 -9.53 -30.32
N ILE D 174 -8.21 -8.73 -30.12
CA ILE D 174 -8.11 -7.84 -28.97
C ILE D 174 -9.22 -6.77 -28.98
N ALA D 175 -9.81 -6.55 -27.81
CA ALA D 175 -10.82 -5.49 -27.65
C ALA D 175 -10.15 -4.13 -27.47
N PRO D 176 -10.82 -3.06 -27.92
CA PRO D 176 -10.22 -1.74 -27.70
C PRO D 176 -10.03 -1.58 -26.21
N ILE D 177 -9.21 -0.63 -25.76
CA ILE D 177 -9.01 -0.41 -24.32
C ILE D 177 -10.25 0.20 -23.66
N PHE D 178 -10.69 -0.41 -22.56
CA PHE D 178 -11.80 0.18 -21.81
C PHE D 178 -11.51 0.40 -20.31
N ASP D 179 -12.54 0.75 -19.53
CA ASP D 179 -12.41 0.95 -18.08
C ASP D 179 -11.15 1.70 -17.69
N CYS D 180 -11.09 2.98 -18.07
CA CYS D 180 -10.04 3.89 -17.67
C CYS D 180 -10.54 4.76 -16.51
N GLY D 181 -11.74 4.46 -16.02
CA GLY D 181 -12.32 5.18 -14.92
C GLY D 181 -11.41 5.26 -13.70
N SER D 182 -10.64 4.21 -13.47
CA SER D 182 -9.66 4.22 -12.38
C SER D 182 -8.36 4.92 -12.78
N CYS D 183 -8.42 5.73 -13.83
CA CYS D 183 -7.27 6.55 -14.17
C CYS D 183 -7.43 7.97 -13.62
N LEU D 184 -6.34 8.71 -13.62
CA LEU D 184 -6.38 10.13 -13.37
C LEU D 184 -7.03 10.51 -12.06
N TYR D 185 -6.50 9.97 -10.96
CA TYR D 185 -6.86 10.44 -9.62
C TYR D 185 -8.35 10.73 -9.44
N PRO D 186 -9.18 9.69 -9.46
CA PRO D 186 -10.61 9.90 -9.27
C PRO D 186 -11.00 10.30 -7.84
N GLN D 187 -10.17 9.96 -6.85
CA GLN D 187 -10.46 10.32 -5.45
C GLN D 187 -10.35 11.83 -5.25
N ALA D 188 -9.27 12.41 -5.75
CA ALA D 188 -8.99 13.84 -5.64
C ALA D 188 -10.21 14.73 -5.89
N ASP D 189 -10.67 15.41 -4.85
CA ASP D 189 -11.71 16.42 -4.98
C ASP D 189 -11.09 17.81 -4.84
N ASP D 190 -11.88 18.85 -5.05
CA ASP D 190 -11.36 20.21 -5.06
C ASP D 190 -10.42 20.51 -3.90
N VAL D 191 -10.83 20.13 -2.70
CA VAL D 191 -9.96 20.35 -1.55
C VAL D 191 -8.60 19.70 -1.74
N VAL D 192 -8.62 18.46 -2.20
CA VAL D 192 -7.40 17.71 -2.43
C VAL D 192 -6.63 18.32 -3.60
N CYS D 193 -7.35 18.73 -4.63
CA CYS D 193 -6.74 19.39 -5.78
C CYS D 193 -6.06 20.64 -5.27
N GLN D 194 -6.85 21.53 -4.67
CA GLN D 194 -6.31 22.72 -4.03
C GLN D 194 -5.03 22.40 -3.28
N LYS D 195 -5.11 21.43 -2.37
CA LYS D 195 -3.94 21.14 -1.57
C LYS D 195 -2.74 20.75 -2.43
N VAL D 196 -2.87 19.70 -3.22
CA VAL D 196 -1.73 19.19 -4.01
C VAL D 196 -1.01 20.31 -4.78
N LEU D 197 -1.80 21.18 -5.42
CA LEU D 197 -1.27 22.35 -6.11
C LEU D 197 -0.41 23.25 -5.22
N SER D 198 -0.65 23.20 -3.92
CA SER D 198 0.13 24.03 -2.99
C SER D 198 1.31 23.27 -2.39
N ASN D 199 1.03 22.19 -1.69
CA ASN D 199 2.06 21.44 -1.01
C ASN D 199 2.77 20.47 -1.96
N ILE D 200 4.07 20.67 -2.15
CA ILE D 200 4.84 19.88 -3.11
C ILE D 200 4.90 18.42 -2.66
N ASP D 201 4.71 18.21 -1.36
CA ASP D 201 4.83 16.87 -0.80
C ASP D 201 3.64 16.03 -1.22
N GLU D 202 2.45 16.58 -1.04
CA GLU D 202 1.28 15.86 -1.52
C GLU D 202 1.43 15.53 -3.02
N LEU D 203 1.85 16.52 -3.79
CA LEU D 203 2.09 16.29 -5.20
C LEU D 203 2.95 15.04 -5.45
N ASN D 204 4.14 15.00 -4.88
CA ASN D 204 5.11 13.96 -5.21
C ASN D 204 4.70 12.56 -4.80
N ALA D 205 3.94 12.45 -3.71
CA ALA D 205 3.37 11.17 -3.30
C ALA D 205 2.58 10.62 -4.47
N ARG D 206 1.73 11.47 -5.03
CA ARG D 206 0.87 11.09 -6.13
C ARG D 206 1.64 10.92 -7.43
N ILE D 207 2.96 10.84 -7.31
CA ILE D 207 3.80 10.50 -8.44
C ILE D 207 4.58 9.22 -8.14
N TYR D 208 5.44 9.32 -7.13
CA TYR D 208 6.34 8.23 -6.79
C TYR D 208 5.66 7.12 -6.00
N ASN D 209 4.83 7.49 -5.03
CA ASN D 209 4.23 6.52 -4.12
C ASN D 209 2.98 5.79 -4.61
N PHE D 210 2.03 6.55 -5.16
CA PHE D 210 0.81 6.00 -5.71
C PHE D 210 0.25 7.01 -6.72
N PRO D 211 -0.58 6.55 -7.67
CA PRO D 211 -1.17 5.22 -7.78
C PRO D 211 -0.11 4.22 -8.20
N GLN D 212 -0.43 2.95 -8.00
CA GLN D 212 0.44 1.87 -8.42
C GLN D 212 -0.29 0.96 -9.39
N SER D 213 0.47 0.21 -10.17
CA SER D 213 -0.17 -0.79 -11.00
C SER D 213 -0.76 -1.84 -10.08
N ILE D 214 -1.89 -2.39 -10.49
CA ILE D 214 -2.57 -3.45 -9.73
C ILE D 214 -1.79 -4.73 -9.87
N LEU D 215 -0.88 -4.73 -10.85
CA LEU D 215 -0.03 -5.88 -11.17
C LEU D 215 1.10 -6.06 -10.15
N LYS D 216 1.41 -7.31 -9.85
CA LYS D 216 2.24 -7.64 -8.71
C LYS D 216 3.51 -8.39 -9.13
N ASP D 217 4.62 -8.08 -8.46
CA ASP D 217 5.89 -8.77 -8.69
C ASP D 217 5.92 -10.03 -7.83
N ASP D 218 6.99 -10.81 -7.94
CA ASP D 218 6.99 -12.15 -7.33
C ASP D 218 7.14 -12.20 -5.81
N ASN D 219 7.21 -11.02 -5.18
CA ASN D 219 7.13 -10.94 -3.73
C ASN D 219 5.71 -10.51 -3.39
N ASP D 220 4.88 -10.54 -4.43
CA ASP D 220 3.43 -10.37 -4.37
C ASP D 220 2.97 -9.01 -3.88
N LYS D 221 3.67 -7.97 -4.34
CA LYS D 221 3.34 -6.62 -3.91
C LYS D 221 3.15 -5.74 -5.14
N LYS D 222 2.09 -4.94 -5.12
CA LYS D 222 1.77 -4.07 -6.26
C LYS D 222 3.03 -3.44 -6.86
N ILE D 223 3.03 -3.26 -8.18
CA ILE D 223 4.17 -2.68 -8.88
C ILE D 223 4.13 -1.16 -8.93
N ASN D 224 5.25 -0.52 -8.60
CA ASN D 224 5.33 0.93 -8.61
C ASN D 224 5.61 1.45 -10.01
N TYR D 225 4.74 2.32 -10.51
CA TYR D 225 4.92 2.79 -11.87
C TYR D 225 6.32 3.33 -12.06
N TYR D 226 6.78 4.17 -11.13
CA TYR D 226 8.09 4.82 -11.28
C TYR D 226 9.30 3.91 -11.12
N ASP D 227 9.29 3.05 -10.12
CA ASP D 227 10.43 2.15 -9.92
C ASP D 227 10.53 1.18 -11.07
N PHE D 228 9.48 0.40 -11.28
CA PHE D 228 9.50 -0.59 -12.35
C PHE D 228 9.93 -0.02 -13.70
N LEU D 229 9.29 1.07 -14.14
CA LEU D 229 9.50 1.58 -15.50
C LEU D 229 10.91 2.15 -15.74
N THR D 230 11.62 2.49 -14.67
CA THR D 230 12.98 3.02 -14.76
C THR D 230 14.04 2.02 -14.30
N GLN D 231 13.67 0.74 -14.25
CA GLN D 231 14.57 -0.28 -13.73
C GLN D 231 14.34 -1.61 -14.40
N THR D 232 13.51 -1.62 -15.42
CA THR D 232 13.23 -2.89 -16.04
C THR D 232 14.16 -3.04 -17.23
N ASN D 233 14.65 -4.26 -17.42
CA ASN D 233 15.42 -4.64 -18.59
C ASN D 233 14.51 -5.55 -19.39
N ASN D 234 13.21 -5.41 -19.14
CA ASN D 234 12.20 -6.08 -19.93
C ASN D 234 12.04 -5.35 -21.25
N LYS D 235 12.83 -5.77 -22.24
CA LYS D 235 12.80 -5.17 -23.57
C LYS D 235 11.36 -4.92 -24.05
N ASP D 236 10.49 -5.92 -23.85
CA ASP D 236 9.10 -5.82 -24.27
C ASP D 236 8.52 -4.50 -23.82
N CYS D 237 8.70 -4.23 -22.53
CA CYS D 237 8.20 -3.04 -21.88
C CYS D 237 8.86 -1.81 -22.48
N LEU D 238 10.18 -1.85 -22.58
CA LEU D 238 10.97 -0.70 -23.03
C LEU D 238 10.69 -0.31 -24.49
N ASP D 239 10.46 -1.30 -25.34
CA ASP D 239 10.17 -1.05 -26.73
C ASP D 239 8.82 -0.37 -26.87
N ALA D 240 7.96 -0.63 -25.90
CA ALA D 240 6.67 0.04 -25.82
C ALA D 240 6.92 1.48 -25.45
N LEU D 241 7.64 1.68 -24.36
CA LEU D 241 8.05 3.03 -24.00
C LEU D 241 8.52 3.77 -25.25
N LEU D 242 9.42 3.16 -26.00
CA LEU D 242 10.01 3.77 -27.20
C LEU D 242 9.02 4.02 -28.33
N ARG D 243 8.14 3.04 -28.53
CA ARG D 243 7.13 3.08 -29.57
C ARG D 243 6.08 4.16 -29.26
N ILE D 244 5.68 4.26 -27.99
CA ILE D 244 4.65 5.19 -27.54
C ILE D 244 5.11 6.63 -27.37
N TYR D 245 6.30 6.81 -26.80
CA TYR D 245 6.78 8.14 -26.42
C TYR D 245 6.62 9.22 -27.48
N PRO D 246 7.15 9.00 -28.69
CA PRO D 246 7.02 9.97 -29.77
C PRO D 246 5.58 10.43 -29.92
N ARG D 247 4.64 9.48 -29.81
CA ARG D 247 3.22 9.74 -29.98
C ARG D 247 2.62 10.65 -28.89
N ILE D 248 3.24 10.69 -27.71
CA ILE D 248 2.73 11.54 -26.63
C ILE D 248 2.76 12.98 -27.02
N ASP D 249 1.59 13.58 -27.17
CA ASP D 249 1.54 14.97 -27.55
C ASP D 249 0.84 15.78 -26.47
N MET D 250 1.64 16.44 -25.65
CA MET D 250 1.13 17.11 -24.48
C MET D 250 0.23 18.29 -24.80
N ASN D 251 0.44 18.93 -25.93
CA ASN D 251 -0.34 20.13 -26.19
C ASN D 251 -1.82 19.78 -26.35
N LYS D 252 -2.05 18.71 -27.10
CA LYS D 252 -3.36 18.09 -27.28
C LYS D 252 -3.91 17.53 -25.97
N ILE D 253 -3.05 16.85 -25.22
CA ILE D 253 -3.48 16.27 -23.96
C ILE D 253 -4.10 17.33 -23.03
N HIS D 254 -3.52 18.51 -22.96
CA HIS D 254 -4.11 19.58 -22.17
C HIS D 254 -5.36 20.08 -22.85
N SER D 255 -5.32 20.13 -24.18
CA SER D 255 -6.47 20.54 -24.97
C SER D 255 -7.71 19.70 -24.64
N ILE D 256 -7.56 18.37 -24.62
CA ILE D 256 -8.65 17.50 -24.21
C ILE D 256 -9.23 17.91 -22.87
N ILE D 257 -8.34 18.23 -21.93
CA ILE D 257 -8.71 18.67 -20.57
C ILE D 257 -9.38 20.03 -20.56
N ASP D 258 -9.07 20.87 -21.53
CA ASP D 258 -9.71 22.18 -21.63
C ASP D 258 -11.15 22.08 -22.15
N ASN D 259 -11.36 21.13 -23.03
CA ASN D 259 -12.64 20.93 -23.63
C ASN D 259 -13.54 20.01 -22.89
N THR D 260 -13.07 19.43 -21.82
CA THR D 260 -13.89 18.54 -21.05
C THR D 260 -14.96 19.34 -20.39
N PRO D 261 -16.19 18.88 -20.56
CA PRO D 261 -17.38 19.67 -20.29
C PRO D 261 -17.93 20.10 -18.95
N PHE D 262 -18.05 19.26 -17.96
CA PHE D 262 -18.78 19.74 -16.79
C PHE D 262 -17.88 19.98 -15.62
N MET D 263 -16.60 20.02 -15.92
CA MET D 263 -15.52 19.81 -14.99
C MET D 263 -15.02 21.11 -14.45
N SER D 264 -14.85 21.14 -13.15
CA SER D 264 -14.38 22.37 -12.49
C SER D 264 -13.01 22.85 -12.96
N GLU D 265 -12.91 24.16 -13.14
CA GLU D 265 -11.65 24.80 -13.53
C GLU D 265 -10.47 24.37 -12.66
N ILE D 266 -10.74 24.22 -11.37
CA ILE D 266 -9.70 23.80 -10.46
C ILE D 266 -9.28 22.38 -10.82
N HIS D 267 -10.27 21.48 -10.86
CA HIS D 267 -9.99 20.10 -11.16
C HIS D 267 -9.25 19.97 -12.48
N LYS D 268 -9.47 20.93 -13.40
CA LYS D 268 -8.73 20.93 -14.65
C LYS D 268 -7.25 21.26 -14.44
N GLU D 269 -6.98 22.41 -13.82
CA GLU D 269 -5.59 22.83 -13.70
C GLU D 269 -4.84 21.85 -12.81
N PHE D 270 -5.59 21.01 -12.12
CA PHE D 270 -5.00 19.98 -11.31
C PHE D 270 -4.52 18.85 -12.21
N LEU D 271 -5.33 18.48 -13.19
CA LEU D 271 -4.95 17.41 -14.10
C LEU D 271 -3.89 17.88 -15.08
N HIS D 272 -4.00 19.14 -15.49
CA HIS D 272 -2.96 19.75 -16.28
C HIS D 272 -1.62 19.56 -15.61
N THR D 273 -1.59 19.86 -14.31
CA THR D 273 -0.37 19.80 -13.54
C THR D 273 0.07 18.35 -13.29
N MET D 274 -0.88 17.50 -12.96
CA MET D 274 -0.55 16.12 -12.59
C MET D 274 -0.10 15.26 -13.77
N LEU D 275 -0.45 15.70 -14.96
CA LEU D 275 0.04 15.04 -16.16
C LEU D 275 1.39 15.63 -16.63
N ASP D 276 1.57 16.94 -16.50
CA ASP D 276 2.87 17.51 -16.84
C ASP D 276 3.91 16.78 -16.02
N GLU D 277 3.57 16.55 -14.77
CA GLU D 277 4.47 15.90 -13.82
C GLU D 277 4.75 14.43 -14.13
N ARG D 278 3.71 13.63 -14.37
CA ARG D 278 3.90 12.21 -14.68
C ARG D 278 4.78 12.07 -15.94
N LYS D 279 4.51 12.92 -16.92
CA LYS D 279 5.25 12.94 -18.15
C LYS D 279 6.70 13.19 -17.80
N SER D 280 6.92 14.21 -16.98
CA SER D 280 8.27 14.64 -16.66
C SER D 280 9.06 13.71 -15.72
N LYS D 281 8.49 13.38 -14.56
CA LYS D 281 9.22 12.61 -13.56
C LYS D 281 9.11 11.09 -13.74
N ILE D 282 8.14 10.62 -14.51
CA ILE D 282 8.10 9.19 -14.79
C ILE D 282 8.44 8.86 -16.23
N ILE D 283 7.54 9.21 -17.14
CA ILE D 283 7.76 8.87 -18.54
C ILE D 283 9.11 9.38 -19.04
N ASP D 284 9.29 10.70 -19.07
CA ASP D 284 10.51 11.30 -19.59
C ASP D 284 11.76 10.63 -19.09
N VAL D 285 11.93 10.59 -17.77
CA VAL D 285 13.06 9.83 -17.22
C VAL D 285 13.15 8.41 -17.79
N ALA D 286 12.19 7.56 -17.41
CA ALA D 286 12.17 6.14 -17.76
C ALA D 286 12.49 5.94 -19.23
N HIS D 287 12.14 6.94 -20.03
CA HIS D 287 12.31 6.91 -21.49
C HIS D 287 13.70 7.36 -21.93
N THR D 288 14.25 8.36 -21.23
CA THR D 288 15.64 8.75 -21.43
C THR D 288 16.52 7.54 -21.15
N ARG D 289 16.37 6.92 -19.98
CA ARG D 289 17.13 5.71 -19.67
C ARG D 289 16.89 4.69 -20.78
N ALA D 290 15.75 4.79 -21.45
CA ALA D 290 15.38 3.81 -22.48
C ALA D 290 16.21 3.95 -23.76
N ILE D 291 16.29 5.17 -24.29
CA ILE D 291 17.04 5.42 -25.51
C ILE D 291 18.47 4.95 -25.37
N GLU D 292 19.03 5.20 -24.19
CA GLU D 292 20.43 4.91 -23.93
C GLU D 292 20.72 3.42 -23.98
N LEU D 293 19.73 2.60 -23.63
CA LEU D 293 19.93 1.16 -23.63
C LEU D 293 20.12 0.59 -25.04
N SER D 294 20.43 1.46 -25.98
CA SER D 294 20.96 1.03 -27.27
C SER D 294 22.16 1.91 -27.66
N LEU D 295 23.23 1.27 -28.12
CA LEU D 295 23.25 -0.18 -28.28
C LEU D 295 23.86 -0.92 -27.07
#